data_7FB8
#
_entry.id   7FB8
#
loop_
_entity.id
_entity.type
_entity.pdbx_description
1 polymer ASP-ASP-LYS-ASP-CYS-ASP-GLU-TYR-CYS-LYS-LYS-THR-LYS-GLU-NH2
2 polymer GLU-LE1-THR-GLY-HIS-ILE-GLU-GLY-PRO-THR-LE1-THR-LE1-HIS-CYS-LYS-NH2
#
loop_
_entity_poly.entity_id
_entity_poly.type
_entity_poly.pdbx_seq_one_letter_code
_entity_poly.pdbx_strand_id
1 'polypeptide(L)' DDKDCDEYCKKTKE(NH2) B
2 'polypeptide(L)' E(LE1)TGHIEGPT(LE1)T(LE1)HCK(NH2) A
#
loop_
_chem_comp.id
_chem_comp.type
_chem_comp.name
_chem_comp.formula
NH2 non-polymer 'AMINO GROUP' 'H2 N'
#
# COMPACT_ATOMS: atom_id res chain seq x y z
N ASP A 1 4.00 -10.71 -0.35
CA ASP A 1 2.83 -10.41 -1.23
C ASP A 1 2.16 -9.12 -0.76
N ASP A 2 1.60 -9.14 0.44
CA ASP A 2 0.94 -7.97 0.98
C ASP A 2 1.92 -6.81 1.14
N LYS A 3 3.21 -7.12 1.22
CA LYS A 3 4.22 -6.08 1.37
C LYS A 3 4.35 -5.29 0.08
N ASP A 4 4.02 -5.92 -1.04
CA ASP A 4 4.10 -5.25 -2.33
C ASP A 4 3.21 -4.02 -2.36
N CYS A 5 1.98 -4.18 -1.88
CA CYS A 5 1.04 -3.08 -1.84
C CYS A 5 1.56 -1.96 -0.95
N ASP A 6 2.07 -2.33 0.22
CA ASP A 6 2.62 -1.35 1.15
C ASP A 6 3.78 -0.60 0.52
N GLU A 7 4.68 -1.34 -0.11
CA GLU A 7 5.84 -0.73 -0.77
C GLU A 7 5.36 0.21 -1.86
N TYR A 8 4.36 -0.24 -2.60
CA TYR A 8 3.78 0.57 -3.67
C TYR A 8 3.24 1.86 -3.12
N CYS A 9 2.52 1.75 -2.02
CA CYS A 9 1.92 2.91 -1.40
C CYS A 9 3.00 3.90 -1.00
N LYS A 10 4.12 3.40 -0.50
CA LYS A 10 5.22 4.26 -0.11
C LYS A 10 5.79 4.99 -1.33
N LYS A 11 5.84 4.29 -2.47
CA LYS A 11 6.38 4.87 -3.70
C LYS A 11 5.55 6.05 -4.18
N THR A 12 4.23 5.93 -4.10
CA THR A 12 3.35 6.99 -4.56
C THR A 12 3.09 8.03 -3.47
N LYS A 13 3.17 7.61 -2.22
CA LYS A 13 2.95 8.52 -1.10
C LYS A 13 4.27 9.09 -0.59
N GLU A 14 5.39 8.69 -1.20
CA GLU A 14 6.70 9.17 -0.77
C GLU A 14 6.69 10.69 -0.64
N NH2 A 15 5.84 11.40 -1.32
HN1 NH2 A 15 5.21 10.94 -1.93
HN2 NH2 A 15 5.83 12.37 -1.24
N GLU B 1 2.22 8.55 8.83
CA GLU B 1 2.49 7.12 8.55
C GLU B 1 1.71 6.69 7.31
O LE1 B 2 3.13 3.51 4.95
C LE1 B 2 1.97 3.92 5.04
CA LE1 B 2 1.68 5.41 5.25
N LE1 B 2 2.34 5.88 6.46
CB LE1 B 2 2.15 6.19 4.03
C9 LE1 B 2 3.67 6.41 4.11
C8 LE1 B 2 1.82 5.40 2.77
SG LE1 B 2 1.31 7.79 3.98
HA LE1 B 2 0.61 5.53 5.36
H LE1 B 2 3.25 5.60 6.66
H9 LE1 B 2 4.11 6.28 3.13
H9A LE1 B 2 4.10 5.69 4.79
H9B LE1 B 2 3.87 7.41 4.47
H8 LE1 B 2 1.68 6.08 1.94
H8A LE1 B 2 0.92 4.83 2.92
H8B LE1 B 2 2.64 4.72 2.54
N THR B 3 0.91 3.14 4.95
CA THR B 3 1.05 1.71 4.73
C THR B 3 -0.15 1.18 3.94
N GLY B 4 0.07 0.11 3.19
CA GLY B 4 -1.00 -0.45 2.40
C GLY B 4 -0.98 -1.98 2.46
N HIS B 5 -2.02 -2.59 1.89
CA HIS B 5 -2.13 -4.04 1.88
C HIS B 5 -2.89 -4.50 0.64
N ILE B 6 -2.74 -5.77 0.28
CA ILE B 6 -3.43 -6.27 -0.90
C ILE B 6 -4.89 -6.55 -0.57
N GLU B 7 -5.75 -5.68 -1.06
CA GLU B 7 -7.18 -5.81 -0.85
C GLU B 7 -7.87 -6.10 -2.17
N GLY B 8 -8.47 -7.28 -2.28
CA GLY B 8 -9.14 -7.64 -3.52
C GLY B 8 -8.14 -7.67 -4.67
N PRO B 9 -8.55 -7.33 -5.87
CA PRO B 9 -7.65 -7.33 -7.07
C PRO B 9 -6.79 -6.06 -7.18
N THR B 10 -6.82 -5.21 -6.15
CA THR B 10 -6.04 -3.97 -6.21
C THR B 10 -5.35 -3.64 -4.89
O LE1 B 11 -4.56 -0.27 -3.82
C LE1 B 11 -4.18 -1.24 -3.17
CA LE1 B 11 -3.49 -2.43 -3.85
N LE1 B 11 -4.27 -2.86 -5.01
CB LE1 B 11 -2.06 -2.04 -4.27
C9 LE1 B 11 -1.28 -3.31 -4.62
C8 LE1 B 11 -2.12 -1.14 -5.51
SG LE1 B 11 -1.22 -1.13 -2.95
HA LE1 B 11 -3.44 -3.24 -3.14
H LE1 B 11 -4.00 -2.56 -5.91
H9 LE1 B 11 -1.51 -4.08 -3.88
H9A LE1 B 11 -0.22 -3.09 -4.58
H9B LE1 B 11 -1.54 -3.64 -5.60
H8 LE1 B 11 -2.00 -1.74 -6.40
H8A LE1 B 11 -1.33 -0.41 -5.46
H8B LE1 B 11 -3.08 -0.64 -5.55
N THR B 12 -4.34 -1.33 -1.85
CA THR B 12 -5.00 -0.27 -1.09
C THR B 12 -4.00 0.46 -0.20
O LE1 B 13 -4.92 3.83 1.47
C LE1 B 13 -3.83 3.30 1.65
CA LE1 B 13 -3.09 2.61 0.51
N LE1 B 13 -4.00 1.80 -0.30
CB LE1 B 13 -2.41 3.67 -0.36
C9 LE1 B 13 -3.47 4.57 -1.01
C8 LE1 B 13 -1.48 4.52 0.50
SG LE1 B 13 -1.43 2.85 -1.66
HA LE1 B 13 -2.34 1.97 0.93
H LE1 B 13 -4.61 2.24 -0.93
H9 LE1 B 13 -2.97 5.30 -1.63
H9A LE1 B 13 -4.02 5.08 -0.24
H9B LE1 B 13 -4.13 3.97 -1.61
H8 LE1 B 13 -1.19 3.96 1.38
H8A LE1 B 13 -2.00 5.42 0.81
H8B LE1 B 13 -0.60 4.79 -0.05
N HIS B 14 -3.22 3.28 2.83
CA HIS B 14 -3.81 3.91 4.00
C HIS B 14 -2.79 4.76 4.74
N CYS B 15 -3.04 6.07 4.76
CA CYS B 15 -2.15 6.99 5.46
C CYS B 15 -2.87 7.62 6.64
N LYS B 16 -2.49 7.21 7.85
CA LYS B 16 -3.11 7.73 9.05
C LYS B 16 -2.15 8.67 9.79
N NH2 B 17 -2.33 9.96 9.69
HN1 NH2 B 17 -3.07 10.32 9.15
HN2 NH2 B 17 -1.72 10.57 10.16
N ASP A 1 4.21 -10.51 -0.63
CA ASP A 1 2.83 -10.43 -1.20
C ASP A 1 2.16 -9.14 -0.74
N ASP A 2 1.59 -9.15 0.46
CA ASP A 2 0.92 -7.97 0.99
C ASP A 2 1.91 -6.82 1.15
N LYS A 3 3.20 -7.13 1.21
CA LYS A 3 4.22 -6.10 1.36
C LYS A 3 4.35 -5.31 0.06
N ASP A 4 4.01 -5.94 -1.06
CA ASP A 4 4.11 -5.28 -2.35
C ASP A 4 3.21 -4.04 -2.37
N CYS A 5 1.99 -4.20 -1.89
CA CYS A 5 1.04 -3.10 -1.85
C CYS A 5 1.58 -1.97 -0.96
N ASP A 6 2.09 -2.34 0.22
CA ASP A 6 2.63 -1.36 1.15
C ASP A 6 3.81 -0.61 0.50
N GLU A 7 4.70 -1.36 -0.14
CA GLU A 7 5.84 -0.75 -0.79
C GLU A 7 5.38 0.18 -1.89
N TYR A 8 4.37 -0.26 -2.62
CA TYR A 8 3.79 0.54 -3.68
C TYR A 8 3.26 1.85 -3.14
N CYS A 9 2.54 1.74 -2.03
CA CYS A 9 1.93 2.90 -1.41
C CYS A 9 3.01 3.90 -1.01
N LYS A 10 4.13 3.39 -0.51
CA LYS A 10 5.23 4.25 -0.13
C LYS A 10 5.78 4.99 -1.34
N LYS A 11 5.86 4.30 -2.48
CA LYS A 11 6.38 4.89 -3.71
C LYS A 11 5.54 6.07 -4.20
N THR A 12 4.22 5.93 -4.12
CA THR A 12 3.33 6.98 -4.59
C THR A 12 3.08 8.03 -3.50
N LYS A 13 3.16 7.62 -2.24
CA LYS A 13 2.94 8.54 -1.14
C LYS A 13 4.27 9.13 -0.63
N GLU A 14 5.38 8.72 -1.25
CA GLU A 14 6.68 9.22 -0.84
C GLU A 14 6.67 10.75 -0.75
N NH2 A 15 5.82 11.42 -1.46
HN1 NH2 A 15 5.19 10.95 -2.05
HN2 NH2 A 15 5.80 12.41 -1.41
N GLU B 1 1.54 8.15 9.28
CA GLU B 1 2.41 7.24 8.47
C GLU B 1 1.67 6.81 7.22
O LE1 B 2 3.12 3.54 4.96
C LE1 B 2 1.97 3.96 5.03
CA LE1 B 2 1.67 5.43 5.22
N LE1 B 2 2.29 5.92 6.45
CB LE1 B 2 2.18 6.21 4.01
C9 LE1 B 2 3.68 6.42 4.12
C8 LE1 B 2 1.87 5.41 2.74
SG LE1 B 2 1.33 7.81 3.92
HA LE1 B 2 0.60 5.57 5.30
H LE1 B 2 3.18 5.59 6.71
H9 LE1 B 2 4.10 5.72 4.82
H9A LE1 B 2 3.88 7.43 4.44
H9B LE1 B 2 4.14 6.25 3.14
H8 LE1 B 2 1.74 6.09 1.90
H8A LE1 B 2 0.95 4.85 2.89
H8B LE1 B 2 2.68 4.73 2.53
N THR B 3 0.90 3.16 4.94
CA THR B 3 1.05 1.73 4.75
C THR B 3 -0.13 1.20 3.95
N GLY B 4 0.09 0.12 3.21
CA GLY B 4 -0.97 -0.46 2.40
C GLY B 4 -0.94 -1.98 2.45
N HIS B 5 -1.98 -2.58 1.91
CA HIS B 5 -2.09 -4.04 1.89
C HIS B 5 -2.86 -4.49 0.66
N ILE B 6 -2.74 -5.75 0.30
CA ILE B 6 -3.43 -6.26 -0.87
C ILE B 6 -4.88 -6.53 -0.54
N GLU B 7 -5.76 -5.65 -1.02
CA GLU B 7 -7.19 -5.78 -0.80
C GLU B 7 -7.87 -6.05 -2.13
N GLY B 8 -8.48 -7.23 -2.26
CA GLY B 8 -9.16 -7.57 -3.50
C GLY B 8 -8.15 -7.62 -4.65
N PRO B 9 -8.56 -7.29 -5.85
CA PRO B 9 -7.67 -7.31 -7.05
C PRO B 9 -6.79 -6.06 -7.17
N THR B 10 -6.82 -5.19 -6.15
CA THR B 10 -6.03 -3.96 -6.22
C THR B 10 -5.34 -3.62 -4.89
O LE1 B 11 -4.55 -0.29 -3.82
C LE1 B 11 -4.16 -1.25 -3.16
CA LE1 B 11 -3.48 -2.43 -3.83
N LE1 B 11 -4.26 -2.86 -5.01
CB LE1 B 11 -2.05 -2.03 -4.27
C9 LE1 B 11 -1.25 -3.29 -4.62
C8 LE1 B 11 -2.11 -1.13 -5.50
SG LE1 B 11 -1.20 -1.14 -2.94
HA LE1 B 11 -3.42 -3.25 -3.14
H LE1 B 11 -3.97 -2.58 -5.90
H9 LE1 B 11 -1.48 -4.07 -3.89
H9A LE1 B 11 -0.20 -3.08 -4.59
H9B LE1 B 11 -1.54 -3.64 -5.60
H8 LE1 B 11 -1.85 -1.70 -6.38
H8A LE1 B 11 -1.42 -0.31 -5.38
H8B LE1 B 11 -3.12 -0.75 -5.61
N THR B 12 -4.33 -1.34 -1.84
CA THR B 12 -4.99 -0.27 -1.09
C THR B 12 -3.99 0.47 -0.20
O LE1 B 13 -4.90 3.85 1.44
C LE1 B 13 -3.81 3.31 1.63
CA LE1 B 13 -3.08 2.62 0.49
N LE1 B 13 -3.99 1.80 -0.30
CB LE1 B 13 -2.39 3.67 -0.39
C9 LE1 B 13 -3.45 4.57 -1.04
C8 LE1 B 13 -1.46 4.52 0.48
SG LE1 B 13 -1.43 2.85 -1.68
HA LE1 B 13 -2.33 1.97 0.91
H LE1 B 13 -4.60 2.23 -0.93
H9 LE1 B 13 -4.00 5.09 -0.27
H9A LE1 B 13 -4.13 3.96 -1.63
H9B LE1 B 13 -2.96 5.29 -1.68
H8 LE1 B 13 -1.98 5.43 0.76
H8A LE1 B 13 -0.58 4.78 -0.09
H8B LE1 B 13 -1.19 3.97 1.36
N HIS B 14 -3.20 3.28 2.81
CA HIS B 14 -3.78 3.90 3.99
C HIS B 14 -2.76 4.76 4.71
N CYS B 15 -3.00 6.07 4.75
CA CYS B 15 -2.10 6.97 5.44
C CYS B 15 -2.81 7.58 6.64
N LYS B 16 -2.40 7.17 7.84
CA LYS B 16 -3.00 7.69 9.06
C LYS B 16 -2.08 8.70 9.74
N NH2 B 17 -2.44 9.96 9.78
HN1 NH2 B 17 -3.30 10.23 9.39
HN2 NH2 B 17 -1.86 10.61 10.21
N ASP A 1 3.77 -9.79 -2.85
CA ASP A 1 2.95 -10.21 -1.67
C ASP A 1 2.22 -9.00 -1.10
N ASP A 2 1.69 -9.16 0.11
CA ASP A 2 0.98 -8.06 0.75
C ASP A 2 1.89 -6.86 0.93
N LYS A 3 3.15 -7.11 1.27
CA LYS A 3 4.10 -6.03 1.46
C LYS A 3 4.29 -5.26 0.16
N ASP A 4 3.99 -5.91 -0.97
CA ASP A 4 4.14 -5.25 -2.26
C ASP A 4 3.25 -4.02 -2.32
N CYS A 5 2.02 -4.17 -1.85
CA CYS A 5 1.07 -3.07 -1.84
C CYS A 5 1.59 -1.95 -0.95
N ASP A 6 2.08 -2.30 0.23
CA ASP A 6 2.62 -1.30 1.16
C ASP A 6 3.80 -0.57 0.53
N GLU A 7 4.70 -1.33 -0.10
CA GLU A 7 5.85 -0.75 -0.76
C GLU A 7 5.40 0.19 -1.86
N TYR A 8 4.39 -0.25 -2.60
CA TYR A 8 3.82 0.55 -3.67
C TYR A 8 3.29 1.86 -3.13
N CYS A 9 2.56 1.75 -2.02
CA CYS A 9 1.97 2.92 -1.40
C CYS A 9 3.05 3.91 -1.01
N LYS A 10 4.17 3.40 -0.51
CA LYS A 10 5.27 4.26 -0.13
C LYS A 10 5.83 5.00 -1.36
N LYS A 11 5.88 4.30 -2.49
CA LYS A 11 6.41 4.88 -3.72
C LYS A 11 5.58 6.06 -4.21
N THR A 12 4.26 5.93 -4.12
CA THR A 12 3.37 7.00 -4.59
C THR A 12 3.14 8.05 -3.51
N LYS A 13 3.20 7.64 -2.25
CA LYS A 13 3.01 8.58 -1.16
C LYS A 13 4.34 9.15 -0.66
N GLU A 14 5.45 8.70 -1.25
CA GLU A 14 6.77 9.18 -0.85
C GLU A 14 6.79 10.70 -0.84
N NH2 A 15 6.02 11.36 -1.65
HN1 NH2 A 15 5.42 10.88 -2.27
HN2 NH2 A 15 6.03 12.34 -1.66
N GLU B 1 1.52 8.14 9.28
CA GLU B 1 2.39 7.26 8.44
C GLU B 1 1.63 6.83 7.19
O LE1 B 2 3.09 3.56 4.91
C LE1 B 2 1.92 3.96 5.00
CA LE1 B 2 1.60 5.43 5.22
N LE1 B 2 2.24 5.92 6.43
CB LE1 B 2 2.07 6.22 4.00
C9 LE1 B 2 3.58 6.42 4.05
C8 LE1 B 2 1.70 5.46 2.72
SG LE1 B 2 1.24 7.84 3.98
HA LE1 B 2 0.53 5.53 5.31
H LE1 B 2 3.11 5.58 6.69
H9 LE1 B 2 4.00 5.72 4.76
H9A LE1 B 2 3.80 7.43 4.36
H9B LE1 B 2 4.00 6.24 3.07
H8 LE1 B 2 0.69 5.09 2.80
H8A LE1 B 2 2.37 4.62 2.60
H8B LE1 B 2 1.79 6.12 1.87
N THR B 3 0.87 3.14 4.92
CA THR B 3 1.04 1.71 4.72
C THR B 3 -0.14 1.18 3.92
N GLY B 4 0.09 0.11 3.16
CA GLY B 4 -0.96 -0.48 2.35
C GLY B 4 -0.93 -2.00 2.42
N HIS B 5 -1.97 -2.62 1.85
CA HIS B 5 -2.07 -4.07 1.83
C HIS B 5 -2.85 -4.52 0.61
N ILE B 6 -2.72 -5.79 0.26
CA ILE B 6 -3.44 -6.31 -0.91
C ILE B 6 -4.88 -6.57 -0.56
N GLU B 7 -5.75 -5.69 -1.03
CA GLU B 7 -7.19 -5.82 -0.79
C GLU B 7 -7.89 -6.09 -2.11
N GLY B 8 -8.54 -7.23 -2.21
CA GLY B 8 -9.23 -7.58 -3.44
C GLY B 8 -8.23 -7.64 -4.60
N PRO B 9 -8.63 -7.28 -5.80
CA PRO B 9 -7.75 -7.31 -6.99
C PRO B 9 -6.90 -6.05 -7.13
N THR B 10 -6.82 -5.23 -6.09
CA THR B 10 -6.05 -3.99 -6.16
C THR B 10 -5.34 -3.65 -4.86
O LE1 B 11 -4.53 -0.29 -3.82
C LE1 B 11 -4.15 -1.26 -3.15
CA LE1 B 11 -3.47 -2.44 -3.83
N LE1 B 11 -4.25 -2.88 -4.99
CB LE1 B 11 -2.04 -2.05 -4.27
C9 LE1 B 11 -1.25 -3.32 -4.60
C8 LE1 B 11 -2.11 -1.17 -5.52
SG LE1 B 11 -1.19 -1.15 -2.95
HA LE1 B 11 -3.40 -3.26 -3.13
H LE1 B 11 -4.00 -2.59 -5.88
H9 LE1 B 11 -0.18 -3.11 -4.56
H9A LE1 B 11 -1.51 -3.66 -5.59
H9B LE1 B 11 -1.49 -4.09 -3.88
H8 LE1 B 11 -1.80 -1.74 -6.38
H8A LE1 B 11 -1.44 -0.32 -5.39
H8B LE1 B 11 -3.12 -0.82 -5.65
N THR B 12 -4.32 -1.35 -1.84
CA THR B 12 -4.97 -0.28 -1.08
C THR B 12 -3.97 0.46 -0.19
O LE1 B 13 -4.90 3.83 1.46
C LE1 B 13 -3.80 3.29 1.64
CA LE1 B 13 -3.06 2.60 0.51
N LE1 B 13 -3.96 1.79 -0.30
CB LE1 B 13 -2.38 3.66 -0.37
C9 LE1 B 13 -3.42 4.56 -1.02
C8 LE1 B 13 -1.45 4.51 0.50
SG LE1 B 13 -1.40 2.85 -1.65
HA LE1 B 13 -2.31 1.96 0.93
H LE1 B 13 -4.58 2.22 -0.93
H9 LE1 B 13 -4.10 3.96 -1.61
H9A LE1 B 13 -2.94 5.28 -1.65
H9B LE1 B 13 -3.99 5.07 -0.25
H8 LE1 B 13 -0.96 3.88 1.23
H8A LE1 B 13 -2.04 5.26 1.02
H8B LE1 B 13 -0.71 5.00 -0.11
N HIS B 14 -3.19 3.28 2.82
CA HIS B 14 -3.78 3.90 4.00
C HIS B 14 -2.77 4.79 4.72
N CYS B 15 -3.05 6.08 4.76
CA CYS B 15 -2.17 7.01 5.45
C CYS B 15 -2.87 7.60 6.66
N LYS B 16 -2.42 7.21 7.84
CA LYS B 16 -3.02 7.71 9.08
C LYS B 16 -2.08 8.68 9.78
N NH2 B 17 -2.36 9.95 9.78
HN1 NH2 B 17 -3.18 10.28 9.33
HN2 NH2 B 17 -1.76 10.59 10.23
N ASP A 1 4.40 -10.10 -1.18
CA ASP A 1 2.96 -10.20 -1.55
C ASP A 1 2.20 -8.99 -0.99
N ASP A 2 1.67 -9.11 0.22
CA ASP A 2 0.93 -8.02 0.83
C ASP A 2 1.84 -6.81 0.99
N LYS A 3 3.10 -7.07 1.33
CA LYS A 3 4.05 -6.00 1.52
C LYS A 3 4.25 -5.24 0.22
N ASP A 4 3.98 -5.90 -0.90
CA ASP A 4 4.15 -5.25 -2.21
C ASP A 4 3.24 -4.02 -2.28
N CYS A 5 2.00 -4.18 -1.83
CA CYS A 5 1.05 -3.07 -1.82
C CYS A 5 1.58 -1.93 -0.95
N ASP A 6 2.07 -2.29 0.24
CA ASP A 6 2.59 -1.29 1.16
C ASP A 6 3.78 -0.56 0.54
N GLU A 7 4.67 -1.33 -0.08
CA GLU A 7 5.85 -0.75 -0.73
C GLU A 7 5.40 0.18 -1.84
N TYR A 8 4.40 -0.25 -2.58
CA TYR A 8 3.84 0.54 -3.66
C TYR A 8 3.30 1.86 -3.13
N CYS A 9 2.56 1.75 -2.04
CA CYS A 9 1.96 2.92 -1.42
C CYS A 9 3.03 3.92 -1.02
N LYS A 10 4.14 3.41 -0.50
CA LYS A 10 5.24 4.27 -0.10
C LYS A 10 5.79 5.02 -1.32
N LYS A 11 5.87 4.32 -2.45
CA LYS A 11 6.40 4.91 -3.68
C LYS A 11 5.55 6.07 -4.18
N THR A 12 4.24 5.93 -4.10
CA THR A 12 3.33 6.97 -4.60
C THR A 12 3.06 8.03 -3.53
N LYS A 13 3.17 7.66 -2.27
CA LYS A 13 2.92 8.60 -1.18
C LYS A 13 4.21 9.30 -0.73
N GLU A 14 5.34 8.95 -1.35
CA GLU A 14 6.60 9.58 -1.00
C GLU A 14 6.84 10.82 -1.84
N NH2 A 15 6.13 11.89 -1.61
HN1 NH2 A 15 5.44 11.89 -0.90
HN2 NH2 A 15 6.26 12.70 -2.16
N GLU B 1 2.22 8.55 8.80
CA GLU B 1 2.45 7.10 8.54
C GLU B 1 1.67 6.68 7.28
O LE1 B 2 3.13 3.53 4.92
C LE1 B 2 1.96 3.94 5.01
CA LE1 B 2 1.67 5.42 5.22
N LE1 B 2 2.32 5.89 6.44
CB LE1 B 2 2.18 6.20 4.01
C9 LE1 B 2 3.68 6.43 4.11
C8 LE1 B 2 1.87 5.41 2.74
SG LE1 B 2 1.32 7.79 3.93
HA LE1 B 2 0.61 5.55 5.31
H LE1 B 2 3.24 5.60 6.64
H9 LE1 B 2 4.14 6.31 3.14
H9A LE1 B 2 4.11 5.70 4.79
H9B LE1 B 2 3.87 7.43 4.49
H8 LE1 B 2 2.58 4.60 2.64
H8A LE1 B 2 1.95 6.05 1.87
H8B LE1 B 2 0.87 5.00 2.79
N THR B 3 0.91 3.15 4.92
CA THR B 3 1.05 1.72 4.72
C THR B 3 -0.14 1.19 3.93
N GLY B 4 0.08 0.12 3.18
CA GLY B 4 -0.98 -0.46 2.37
C GLY B 4 -0.96 -1.98 2.44
N HIS B 5 -1.99 -2.60 1.86
CA HIS B 5 -2.09 -4.05 1.85
C HIS B 5 -2.86 -4.51 0.61
N ILE B 6 -2.74 -5.79 0.27
CA ILE B 6 -3.44 -6.30 -0.89
C ILE B 6 -4.90 -6.56 -0.56
N GLU B 7 -5.76 -5.68 -1.04
CA GLU B 7 -7.19 -5.82 -0.81
C GLU B 7 -7.89 -6.08 -2.13
N GLY B 8 -8.55 -7.23 -2.25
CA GLY B 8 -9.23 -7.56 -3.49
C GLY B 8 -8.22 -7.64 -4.63
N PRO B 9 -8.61 -7.29 -5.83
CA PRO B 9 -7.73 -7.32 -7.02
C PRO B 9 -6.90 -6.04 -7.19
N THR B 10 -6.75 -5.28 -6.11
CA THR B 10 -6.00 -4.02 -6.19
C THR B 10 -5.29 -3.67 -4.89
O LE1 B 11 -4.49 -0.27 -3.85
C LE1 B 11 -4.13 -1.24 -3.18
CA LE1 B 11 -3.44 -2.43 -3.85
N LE1 B 11 -4.23 -2.87 -5.02
CB LE1 B 11 -2.02 -2.04 -4.29
C9 LE1 B 11 -1.22 -3.31 -4.62
C8 LE1 B 11 -2.08 -1.16 -5.54
SG LE1 B 11 -1.17 -1.14 -2.97
HA LE1 B 11 -3.37 -3.24 -3.14
H LE1 B 11 -3.98 -2.57 -5.91
H9 LE1 B 11 -1.49 -3.65 -5.60
H9A LE1 B 11 -1.46 -4.08 -3.90
H9B LE1 B 11 -0.17 -3.09 -4.59
H8 LE1 B 11 -1.42 -0.30 -5.41
H8A LE1 B 11 -3.09 -0.81 -5.68
H8B LE1 B 11 -1.77 -1.72 -6.40
N THR B 12 -4.31 -1.33 -1.88
CA THR B 12 -4.97 -0.27 -1.12
C THR B 12 -3.99 0.48 -0.22
O LE1 B 13 -4.90 3.85 1.42
C LE1 B 13 -3.81 3.30 1.61
CA LE1 B 13 -3.07 2.61 0.46
N LE1 B 13 -3.97 1.81 -0.34
CB LE1 B 13 -2.40 3.68 -0.40
C9 LE1 B 13 -3.47 4.57 -1.04
C8 LE1 B 13 -1.48 4.54 0.48
SG LE1 B 13 -1.42 2.88 -1.70
HA LE1 B 13 -2.31 1.97 0.90
H LE1 B 13 -4.57 2.24 -0.98
H9 LE1 B 13 -3.31 4.60 -2.11
H9A LE1 B 13 -3.39 5.57 -0.63
H9B LE1 B 13 -4.44 4.16 -0.82
H8 LE1 B 13 -0.68 4.94 -0.12
H8A LE1 B 13 -1.06 3.93 1.27
H8B LE1 B 13 -2.05 5.35 0.91
N HIS B 14 -3.22 3.26 2.79
CA HIS B 14 -3.81 3.87 3.96
C HIS B 14 -2.79 4.72 4.72
N CYS B 15 -3.03 6.02 4.76
CA CYS B 15 -2.13 6.93 5.48
C CYS B 15 -2.85 7.53 6.68
N LYS B 16 -2.47 7.09 7.86
CA LYS B 16 -3.08 7.58 9.10
C LYS B 16 -2.15 8.53 9.83
N NH2 B 17 -2.35 9.82 9.76
HN1 NH2 B 17 -3.12 10.16 9.24
HN2 NH2 B 17 -1.75 10.44 10.23
N ASP A 1 3.98 -9.84 -2.70
CA ASP A 1 3.06 -10.27 -1.60
C ASP A 1 2.36 -9.04 -1.02
N ASP A 2 1.80 -9.19 0.17
CA ASP A 2 1.10 -8.10 0.81
C ASP A 2 2.01 -6.89 0.98
N LYS A 3 3.30 -7.14 1.16
CA LYS A 3 4.24 -6.05 1.33
C LYS A 3 4.36 -5.27 0.02
N ASP A 4 4.02 -5.90 -1.09
CA ASP A 4 4.10 -5.24 -2.38
C ASP A 4 3.20 -4.01 -2.40
N CYS A 5 1.98 -4.18 -1.91
CA CYS A 5 1.03 -3.08 -1.87
C CYS A 5 1.55 -1.97 -0.97
N ASP A 6 2.05 -2.34 0.21
CA ASP A 6 2.58 -1.35 1.15
C ASP A 6 3.76 -0.61 0.53
N GLU A 7 4.67 -1.34 -0.08
CA GLU A 7 5.83 -0.73 -0.72
C GLU A 7 5.38 0.20 -1.83
N TYR A 8 4.38 -0.25 -2.57
CA TYR A 8 3.82 0.54 -3.66
C TYR A 8 3.28 1.84 -3.12
N CYS A 9 2.54 1.74 -2.02
CA CYS A 9 1.94 2.91 -1.41
C CYS A 9 3.02 3.89 -1.01
N LYS A 10 4.12 3.39 -0.47
CA LYS A 10 5.22 4.23 -0.08
C LYS A 10 5.79 4.97 -1.29
N LYS A 11 5.87 4.28 -2.43
CA LYS A 11 6.41 4.86 -3.65
C LYS A 11 5.58 6.04 -4.15
N THR A 12 4.27 5.92 -4.08
CA THR A 12 3.39 6.97 -4.56
C THR A 12 3.12 8.02 -3.49
N LYS A 13 3.22 7.62 -2.23
CA LYS A 13 2.98 8.56 -1.13
C LYS A 13 4.28 9.21 -0.66
N GLU A 14 5.41 8.82 -1.24
CA GLU A 14 6.70 9.41 -0.86
C GLU A 14 6.88 10.77 -1.53
N NH2 A 15 6.07 11.13 -2.48
HN1 NH2 A 15 5.34 10.54 -2.77
HN2 NH2 A 15 6.19 12.00 -2.92
N GLU B 1 1.55 8.16 9.28
CA GLU B 1 2.40 7.20 8.51
C GLU B 1 1.67 6.80 7.23
O LE1 B 2 3.10 3.49 4.99
C LE1 B 2 1.94 3.92 5.07
CA LE1 B 2 1.66 5.40 5.25
N LE1 B 2 2.27 5.88 6.48
CB LE1 B 2 2.19 6.17 4.04
C9 LE1 B 2 3.70 6.37 4.16
C8 LE1 B 2 1.89 5.38 2.77
SG LE1 B 2 1.37 7.79 3.95
HA LE1 B 2 0.59 5.55 5.32
H LE1 B 2 3.14 5.52 6.76
H9 LE1 B 2 3.91 7.37 4.51
H9A LE1 B 2 4.16 6.20 3.20
H9B LE1 B 2 4.10 5.65 4.88
H8 LE1 B 2 2.60 4.58 2.67
H8A LE1 B 2 1.94 6.03 1.92
H8B LE1 B 2 0.89 4.96 2.83
N THR B 3 0.88 3.14 4.97
CA THR B 3 1.00 1.70 4.78
C THR B 3 -0.17 1.18 3.97
N GLY B 4 0.06 0.11 3.23
CA GLY B 4 -0.99 -0.47 2.40
C GLY B 4 -0.97 -1.99 2.47
N HIS B 5 -2.00 -2.60 1.90
CA HIS B 5 -2.12 -4.05 1.90
C HIS B 5 -2.88 -4.51 0.65
N ILE B 6 -2.75 -5.79 0.31
CA ILE B 6 -3.45 -6.31 -0.85
C ILE B 6 -4.91 -6.56 -0.53
N GLU B 7 -5.77 -5.68 -1.02
CA GLU B 7 -7.20 -5.81 -0.79
C GLU B 7 -7.88 -6.09 -2.12
N GLY B 8 -8.50 -7.26 -2.23
CA GLY B 8 -9.17 -7.62 -3.47
C GLY B 8 -8.17 -7.66 -4.62
N PRO B 9 -8.59 -7.33 -5.82
CA PRO B 9 -7.69 -7.35 -7.02
C PRO B 9 -6.83 -6.08 -7.14
N THR B 10 -6.86 -5.22 -6.12
CA THR B 10 -6.09 -3.98 -6.20
C THR B 10 -5.38 -3.64 -4.88
O LE1 B 11 -4.59 -0.28 -3.82
C LE1 B 11 -4.20 -1.24 -3.16
CA LE1 B 11 -3.52 -2.42 -3.85
N LE1 B 11 -4.31 -2.86 -5.00
CB LE1 B 11 -2.10 -2.05 -4.29
C9 LE1 B 11 -1.31 -3.31 -4.62
C8 LE1 B 11 -2.16 -1.15 -5.53
SG LE1 B 11 -1.24 -1.14 -2.96
HA LE1 B 11 -3.46 -3.24 -3.14
H LE1 B 11 -4.06 -2.56 -5.90
H9 LE1 B 11 -1.57 -3.65 -5.61
H9A LE1 B 11 -1.56 -4.09 -3.91
H9B LE1 B 11 -0.26 -3.11 -4.57
H8 LE1 B 11 -1.37 -0.41 -5.48
H8A LE1 B 11 -3.12 -0.66 -5.57
H8B LE1 B 11 -2.03 -1.75 -6.42
N THR B 12 -4.35 -1.32 -1.84
CA THR B 12 -5.00 -0.25 -1.09
C THR B 12 -4.00 0.49 -0.21
O LE1 B 13 -4.91 3.84 1.46
C LE1 B 13 -3.81 3.32 1.63
CA LE1 B 13 -3.08 2.63 0.48
N LE1 B 13 -3.99 1.81 -0.31
CB LE1 B 13 -2.41 3.69 -0.40
C9 LE1 B 13 -3.47 4.58 -1.05
C8 LE1 B 13 -1.48 4.55 0.47
SG LE1 B 13 -1.44 2.87 -1.69
HA LE1 B 13 -2.32 1.99 0.90
H LE1 B 13 -4.61 2.26 -0.93
H9 LE1 B 13 -2.98 5.32 -1.66
H9A LE1 B 13 -4.04 5.08 -0.27
H9B LE1 B 13 -4.12 3.98 -1.65
H8 LE1 B 13 -0.68 4.95 -0.14
H8A LE1 B 13 -1.06 3.94 1.26
H8B LE1 B 13 -2.04 5.37 0.90
N HIS B 14 -3.18 3.32 2.81
CA HIS B 14 -3.76 3.94 3.98
C HIS B 14 -2.74 4.80 4.70
N CYS B 15 -2.98 6.11 4.72
CA CYS B 15 -2.08 7.03 5.41
C CYS B 15 -2.79 7.67 6.60
N LYS B 16 -2.39 7.28 7.80
CA LYS B 16 -3.00 7.81 9.01
C LYS B 16 -2.10 8.86 9.65
N NH2 B 17 -2.36 10.13 9.49
HN1 NH2 B 17 -3.15 10.39 8.96
HN2 NH2 B 17 -1.79 10.81 9.89
N ASP A 1 3.93 -9.82 -2.64
CA ASP A 1 2.99 -10.25 -1.56
C ASP A 1 2.28 -9.01 -0.99
N ASP A 2 1.72 -9.16 0.20
CA ASP A 2 1.01 -8.06 0.84
C ASP A 2 1.93 -6.85 0.99
N LYS A 3 3.20 -7.11 1.28
CA LYS A 3 4.16 -6.02 1.44
C LYS A 3 4.32 -5.26 0.13
N ASP A 4 4.01 -5.91 -0.99
CA ASP A 4 4.14 -5.26 -2.28
C ASP A 4 3.24 -4.03 -2.34
N CYS A 5 2.01 -4.19 -1.88
CA CYS A 5 1.06 -3.08 -1.86
C CYS A 5 1.58 -1.96 -0.97
N ASP A 6 2.08 -2.31 0.21
CA ASP A 6 2.61 -1.32 1.14
C ASP A 6 3.80 -0.58 0.51
N GLU A 7 4.70 -1.33 -0.11
CA GLU A 7 5.86 -0.74 -0.75
C GLU A 7 5.41 0.19 -1.86
N TYR A 8 4.41 -0.26 -2.60
CA TYR A 8 3.85 0.54 -3.68
C TYR A 8 3.31 1.85 -3.14
N CYS A 9 2.57 1.74 -2.05
CA CYS A 9 1.97 2.90 -1.43
C CYS A 9 3.04 3.89 -1.03
N LYS A 10 4.15 3.39 -0.52
CA LYS A 10 5.26 4.25 -0.12
C LYS A 10 5.81 4.99 -1.34
N LYS A 11 5.88 4.29 -2.46
CA LYS A 11 6.42 4.87 -3.69
C LYS A 11 5.59 6.05 -4.19
N THR A 12 4.26 5.92 -4.11
CA THR A 12 3.38 6.97 -4.59
C THR A 12 3.11 8.02 -3.51
N LYS A 13 3.17 7.60 -2.25
CA LYS A 13 2.94 8.52 -1.14
C LYS A 13 4.25 9.07 -0.60
N GLU A 14 5.38 8.68 -1.22
CA GLU A 14 6.69 9.14 -0.76
C GLU A 14 6.69 10.65 -0.57
N NH2 A 15 5.85 11.39 -1.24
HN1 NH2 A 15 5.22 10.97 -1.87
HN2 NH2 A 15 5.84 12.36 -1.12
N GLU B 1 1.53 8.15 9.28
CA GLU B 1 2.40 7.25 8.47
C GLU B 1 1.64 6.82 7.22
O LE1 B 2 3.10 3.59 4.90
C LE1 B 2 1.94 3.98 5.00
CA LE1 B 2 1.62 5.46 5.21
N LE1 B 2 2.25 5.94 6.44
CB LE1 B 2 2.08 6.26 4.00
C9 LE1 B 2 3.59 6.47 4.06
C8 LE1 B 2 1.73 5.50 2.72
SG LE1 B 2 1.26 7.86 3.99
HA LE1 B 2 0.55 5.56 5.32
H LE1 B 2 3.13 5.60 6.69
H9 LE1 B 2 4.03 5.77 4.77
H9A LE1 B 2 3.82 7.48 4.38
H9B LE1 B 2 4.02 6.29 3.09
H8 LE1 B 2 0.85 4.89 2.90
H8A LE1 B 2 2.55 4.86 2.44
H8B LE1 B 2 1.52 6.19 1.94
N THR B 3 0.90 3.17 4.93
CA THR B 3 1.06 1.74 4.72
C THR B 3 -0.13 1.20 3.92
N GLY B 4 0.10 0.14 3.18
CA GLY B 4 -0.96 -0.45 2.36
C GLY B 4 -0.94 -1.97 2.43
N HIS B 5 -1.97 -2.58 1.86
CA HIS B 5 -2.08 -4.04 1.85
C HIS B 5 -2.86 -4.49 0.62
N ILE B 6 -2.73 -5.76 0.28
CA ILE B 6 -3.44 -6.27 -0.89
C ILE B 6 -4.90 -6.54 -0.54
N GLU B 7 -5.76 -5.65 -1.03
CA GLU B 7 -7.19 -5.79 -0.79
C GLU B 7 -7.90 -6.07 -2.11
N GLY B 8 -8.53 -7.23 -2.20
CA GLY B 8 -9.22 -7.59 -3.42
C GLY B 8 -8.22 -7.65 -4.59
N PRO B 9 -8.64 -7.30 -5.78
CA PRO B 9 -7.77 -7.32 -6.99
C PRO B 9 -6.87 -6.07 -7.12
N THR B 10 -6.87 -5.22 -6.10
CA THR B 10 -6.07 -3.99 -6.18
C THR B 10 -5.36 -3.65 -4.88
O LE1 B 11 -4.54 -0.29 -3.85
C LE1 B 11 -4.15 -1.26 -3.18
CA LE1 B 11 -3.48 -2.45 -3.85
N LE1 B 11 -4.28 -2.88 -5.01
CB LE1 B 11 -2.05 -2.07 -4.31
C9 LE1 B 11 -1.27 -3.34 -4.62
C8 LE1 B 11 -2.12 -1.19 -5.55
SG LE1 B 11 -1.20 -1.16 -2.99
HA LE1 B 11 -3.42 -3.26 -3.14
H LE1 B 11 -4.01 -2.60 -5.91
H9 LE1 B 11 -0.22 -3.14 -4.58
H9A LE1 B 11 -1.53 -3.68 -5.62
H9B LE1 B 11 -1.52 -4.11 -3.90
H8 LE1 B 11 -1.88 -1.78 -6.42
H8A LE1 B 11 -1.41 -0.38 -5.46
H8B LE1 B 11 -3.12 -0.77 -5.65
N THR B 12 -4.31 -1.33 -1.86
CA THR B 12 -4.96 -0.25 -1.12
C THR B 12 -3.97 0.49 -0.22
O LE1 B 13 -4.86 3.88 1.41
C LE1 B 13 -3.78 3.33 1.59
CA LE1 B 13 -3.04 2.63 0.45
N LE1 B 13 -3.95 1.81 -0.35
CB LE1 B 13 -2.36 3.68 -0.43
C9 LE1 B 13 -3.43 4.57 -1.08
C8 LE1 B 13 -1.44 4.55 0.43
SG LE1 B 13 -1.40 2.87 -1.72
HA LE1 B 13 -2.28 1.99 0.88
H LE1 B 13 -4.56 2.25 -0.98
H9 LE1 B 13 -3.35 5.58 -0.70
H9A LE1 B 13 -4.42 4.18 -0.84
H9B LE1 B 13 -3.29 4.57 -2.15
H8 LE1 B 13 -1.95 5.46 0.70
H8A LE1 B 13 -0.55 4.79 -0.12
H8B LE1 B 13 -1.17 4.01 1.33
N HIS B 14 -3.18 3.29 2.78
CA HIS B 14 -3.77 3.92 3.95
C HIS B 14 -2.75 4.78 4.68
N CYS B 15 -3.04 6.08 4.79
CA CYS B 15 -2.16 6.99 5.49
C CYS B 15 -2.88 7.57 6.71
N LYS B 16 -2.42 7.16 7.89
CA LYS B 16 -3.03 7.62 9.13
C LYS B 16 -2.15 8.69 9.78
N NH2 B 17 -2.57 9.93 9.81
HN1 NH2 B 17 -3.42 10.17 9.41
HN2 NH2 B 17 -2.01 10.62 10.23
N ASP A 1 3.97 -10.68 -0.27
CA ASP A 1 2.81 -10.39 -1.15
C ASP A 1 2.15 -9.10 -0.70
N ASP A 2 1.57 -9.11 0.49
CA ASP A 2 0.90 -7.94 1.03
C ASP A 2 1.87 -6.77 1.18
N LYS A 3 3.15 -7.08 1.33
CA LYS A 3 4.15 -6.03 1.48
C LYS A 3 4.31 -5.26 0.18
N ASP A 4 3.99 -5.91 -0.94
CA ASP A 4 4.10 -5.26 -2.24
C ASP A 4 3.21 -4.03 -2.30
N CYS A 5 1.99 -4.18 -1.83
CA CYS A 5 1.04 -3.07 -1.82
C CYS A 5 1.57 -1.94 -0.94
N ASP A 6 2.07 -2.29 0.24
CA ASP A 6 2.61 -1.29 1.16
C ASP A 6 3.79 -0.57 0.52
N GLU A 7 4.68 -1.33 -0.10
CA GLU A 7 5.85 -0.74 -0.75
C GLU A 7 5.40 0.18 -1.88
N TYR A 8 4.39 -0.26 -2.62
CA TYR A 8 3.82 0.53 -3.69
C TYR A 8 3.29 1.85 -3.17
N CYS A 9 2.55 1.74 -2.07
CA CYS A 9 1.95 2.91 -1.46
C CYS A 9 3.02 3.91 -1.06
N LYS A 10 4.13 3.40 -0.53
CA LYS A 10 5.23 4.27 -0.14
C LYS A 10 5.79 5.01 -1.36
N LYS A 11 5.87 4.30 -2.49
CA LYS A 11 6.42 4.90 -3.71
C LYS A 11 5.58 6.07 -4.21
N THR A 12 4.26 5.93 -4.14
CA THR A 12 3.37 6.97 -4.62
C THR A 12 3.09 8.03 -3.54
N LYS A 13 3.15 7.61 -2.28
CA LYS A 13 2.91 8.53 -1.17
C LYS A 13 4.22 9.09 -0.62
N GLU A 14 5.34 8.70 -1.23
CA GLU A 14 6.65 9.18 -0.77
C GLU A 14 6.64 10.70 -0.60
N NH2 A 15 5.79 11.42 -1.29
HN1 NH2 A 15 5.18 10.97 -1.91
HN2 NH2 A 15 5.78 12.39 -1.19
N GLU B 1 2.21 8.59 8.80
CA GLU B 1 2.48 7.15 8.50
C GLU B 1 1.68 6.73 7.28
O LE1 B 2 3.12 3.61 4.85
C LE1 B 2 1.95 4.00 4.97
CA LE1 B 2 1.64 5.47 5.21
N LE1 B 2 2.30 5.94 6.42
CB LE1 B 2 2.07 6.28 3.98
C9 LE1 B 2 3.59 6.50 4.02
C8 LE1 B 2 1.70 5.51 2.71
SG LE1 B 2 1.22 7.87 4.00
HA LE1 B 2 0.58 5.57 5.34
H LE1 B 2 3.23 5.67 6.59
H9 LE1 B 2 3.99 6.36 3.03
H9A LE1 B 2 4.03 5.79 4.70
H9B LE1 B 2 3.79 7.51 4.37
H8 LE1 B 2 0.82 4.91 2.90
H8A LE1 B 2 2.52 4.87 2.43
H8B LE1 B 2 1.50 6.22 1.92
N THR B 3 0.91 3.19 4.91
CA THR B 3 1.07 1.76 4.69
C THR B 3 -0.13 1.23 3.91
N GLY B 4 0.08 0.16 3.16
CA GLY B 4 -0.99 -0.42 2.36
C GLY B 4 -0.98 -1.94 2.45
N HIS B 5 -2.02 -2.54 1.88
CA HIS B 5 -2.14 -4.00 1.88
C HIS B 5 -2.90 -4.46 0.64
N ILE B 6 -2.76 -5.73 0.29
CA ILE B 6 -3.44 -6.25 -0.88
C ILE B 6 -4.90 -6.51 -0.57
N GLU B 7 -5.77 -5.64 -1.06
CA GLU B 7 -7.20 -5.77 -0.84
C GLU B 7 -7.88 -6.08 -2.17
N GLY B 8 -8.49 -7.24 -2.26
CA GLY B 8 -9.16 -7.62 -3.50
C GLY B 8 -8.16 -7.67 -4.65
N PRO B 9 -8.56 -7.33 -5.85
CA PRO B 9 -7.67 -7.35 -7.04
C PRO B 9 -6.79 -6.10 -7.17
N THR B 10 -6.81 -5.23 -6.15
CA THR B 10 -6.03 -4.00 -6.23
C THR B 10 -5.34 -3.66 -4.91
O LE1 B 11 -4.54 -0.28 -3.87
C LE1 B 11 -4.16 -1.24 -3.20
CA LE1 B 11 -3.48 -2.44 -3.86
N LE1 B 11 -4.26 -2.88 -5.02
CB LE1 B 11 -2.05 -2.07 -4.29
C9 LE1 B 11 -1.25 -3.35 -4.58
C8 LE1 B 11 -2.08 -1.20 -5.54
SG LE1 B 11 -1.20 -1.14 -2.97
HA LE1 B 11 -3.43 -3.25 -3.14
H LE1 B 11 -3.98 -2.59 -5.92
H9 LE1 B 11 -1.51 -3.70 -5.57
H9A LE1 B 11 -1.50 -4.10 -3.85
H9B LE1 B 11 -0.20 -3.13 -4.55
H8 LE1 B 11 -1.14 -0.69 -5.66
H8A LE1 B 11 -2.87 -0.47 -5.46
H8B LE1 B 11 -2.26 -1.83 -6.41
N THR B 12 -4.33 -1.31 -1.88
CA THR B 12 -4.98 -0.25 -1.14
C THR B 12 -4.00 0.50 -0.25
O LE1 B 13 -4.88 3.90 1.38
C LE1 B 13 -3.81 3.34 1.57
CA LE1 B 13 -3.07 2.64 0.43
N LE1 B 13 -3.97 1.82 -0.38
CB LE1 B 13 -2.40 3.70 -0.44
C9 LE1 B 13 -3.46 4.60 -1.08
C8 LE1 B 13 -1.48 4.57 0.42
SG LE1 B 13 -1.42 2.90 -1.75
HA LE1 B 13 -2.31 2.01 0.86
H LE1 B 13 -4.58 2.26 -1.01
H9 LE1 B 13 -3.31 4.63 -2.15
H9A LE1 B 13 -3.39 5.59 -0.68
H9B LE1 B 13 -4.44 4.19 -0.87
H8 LE1 B 13 -0.59 4.81 -0.14
H8A LE1 B 13 -1.20 4.01 1.31
H8B LE1 B 13 -1.98 5.47 0.71
N HIS B 14 -3.22 3.28 2.76
CA HIS B 14 -3.81 3.90 3.93
C HIS B 14 -2.78 4.73 4.69
N CYS B 15 -3.07 6.03 4.83
CA CYS B 15 -2.17 6.91 5.57
C CYS B 15 -2.89 7.44 6.81
N LYS B 16 -2.45 6.98 7.98
CA LYS B 16 -3.06 7.41 9.23
C LYS B 16 -2.10 8.31 10.00
N NH2 B 17 -2.43 9.56 10.20
HN1 NH2 B 17 -3.27 9.91 9.84
HN2 NH2 B 17 -1.82 10.16 10.69
N ASP A 1 4.02 -9.86 -2.63
CA ASP A 1 3.06 -10.28 -1.57
C ASP A 1 2.35 -9.05 -1.01
N ASP A 2 1.77 -9.19 0.17
CA ASP A 2 1.05 -8.08 0.79
C ASP A 2 1.97 -6.88 0.98
N LYS A 3 3.26 -7.14 1.19
CA LYS A 3 4.21 -6.05 1.37
C LYS A 3 4.35 -5.26 0.08
N ASP A 4 4.02 -5.91 -1.05
CA ASP A 4 4.12 -5.25 -2.34
C ASP A 4 3.22 -4.02 -2.37
N CYS A 5 1.99 -4.19 -1.89
CA CYS A 5 1.05 -3.09 -1.85
C CYS A 5 1.57 -1.97 -0.97
N ASP A 6 2.08 -2.34 0.21
CA ASP A 6 2.63 -1.34 1.14
C ASP A 6 3.80 -0.61 0.51
N GLU A 7 4.69 -1.34 -0.13
CA GLU A 7 5.85 -0.75 -0.77
C GLU A 7 5.38 0.19 -1.88
N TYR A 8 4.39 -0.25 -2.62
CA TYR A 8 3.82 0.56 -3.69
C TYR A 8 3.29 1.86 -3.15
N CYS A 9 2.55 1.75 -2.05
CA CYS A 9 1.95 2.91 -1.43
C CYS A 9 3.02 3.89 -1.02
N LYS A 10 4.13 3.38 -0.50
CA LYS A 10 5.23 4.23 -0.09
C LYS A 10 5.81 4.98 -1.30
N LYS A 11 5.88 4.29 -2.44
CA LYS A 11 6.43 4.89 -3.65
C LYS A 11 5.60 6.08 -4.15
N THR A 12 4.28 5.94 -4.09
CA THR A 12 3.40 7.00 -4.56
C THR A 12 3.12 8.03 -3.47
N LYS A 13 3.18 7.61 -2.23
CA LYS A 13 2.94 8.52 -1.12
C LYS A 13 4.25 9.12 -0.60
N GLU A 14 5.37 8.70 -1.17
CA GLU A 14 6.67 9.21 -0.75
C GLU A 14 6.66 10.73 -0.70
N NH2 A 15 5.87 11.39 -1.51
HN1 NH2 A 15 5.30 10.91 -2.13
HN2 NH2 A 15 5.86 12.37 -1.49
N GLU B 1 1.57 8.16 9.25
CA GLU B 1 2.38 7.17 8.51
C GLU B 1 1.64 6.76 7.24
O LE1 B 2 3.10 3.51 4.94
C LE1 B 2 1.93 3.91 5.04
CA LE1 B 2 1.63 5.38 5.24
N LE1 B 2 2.26 5.87 6.47
CB LE1 B 2 2.13 6.18 4.04
C9 LE1 B 2 3.65 6.39 4.14
C8 LE1 B 2 1.82 5.40 2.76
SG LE1 B 2 1.30 7.78 3.97
HA LE1 B 2 0.57 5.52 5.33
H LE1 B 2 3.13 5.51 6.74
H9 LE1 B 2 3.85 7.39 4.48
H9A LE1 B 2 4.10 6.23 3.18
H9B LE1 B 2 4.07 5.69 4.85
H8 LE1 B 2 1.68 6.08 1.94
H8A LE1 B 2 0.92 4.82 2.90
H8B LE1 B 2 2.65 4.74 2.53
N THR B 3 0.88 3.10 4.97
CA THR B 3 1.04 1.68 4.77
C THR B 3 -0.13 1.14 3.96
N GLY B 4 0.11 0.09 3.21
CA GLY B 4 -0.95 -0.49 2.38
C GLY B 4 -0.94 -2.01 2.45
N HIS B 5 -1.98 -2.62 1.89
CA HIS B 5 -2.10 -4.07 1.88
C HIS B 5 -2.88 -4.51 0.65
N ILE B 6 -2.74 -5.78 0.29
CA ILE B 6 -3.44 -6.29 -0.88
C ILE B 6 -4.90 -6.56 -0.55
N GLU B 7 -5.76 -5.66 -1.03
CA GLU B 7 -7.20 -5.79 -0.80
C GLU B 7 -7.89 -6.08 -2.12
N GLY B 8 -8.50 -7.25 -2.21
CA GLY B 8 -9.20 -7.62 -3.44
C GLY B 8 -8.20 -7.66 -4.60
N PRO B 9 -8.62 -7.30 -5.79
CA PRO B 9 -7.73 -7.30 -6.99
C PRO B 9 -6.87 -6.05 -7.12
N THR B 10 -6.88 -5.19 -6.10
CA THR B 10 -6.09 -3.96 -6.17
C THR B 10 -5.38 -3.62 -4.86
O LE1 B 11 -4.56 -0.27 -3.81
C LE1 B 11 -4.18 -1.24 -3.14
CA LE1 B 11 -3.50 -2.43 -3.82
N LE1 B 11 -4.30 -2.86 -4.98
CB LE1 B 11 -2.08 -2.05 -4.27
C9 LE1 B 11 -1.29 -3.32 -4.59
C8 LE1 B 11 -2.14 -1.16 -5.51
SG LE1 B 11 -1.21 -1.15 -2.94
HA LE1 B 11 -3.45 -3.25 -3.12
H LE1 B 11 -4.03 -2.57 -5.88
H9 LE1 B 11 -0.24 -3.11 -4.56
H9A LE1 B 11 -1.56 -3.66 -5.58
H9B LE1 B 11 -1.54 -4.08 -3.88
H8 LE1 B 11 -1.44 -0.34 -5.40
H8A LE1 B 11 -3.14 -0.77 -5.63
H8B LE1 B 11 -1.86 -1.74 -6.38
N THR B 12 -4.33 -1.31 -1.83
CA THR B 12 -4.97 -0.25 -1.07
C THR B 12 -3.97 0.50 -0.19
O LE1 B 13 -4.86 3.87 1.48
C LE1 B 13 -3.77 3.32 1.65
CA LE1 B 13 -3.04 2.63 0.49
N LE1 B 13 -3.96 1.82 -0.31
CB LE1 B 13 -2.39 3.70 -0.39
C9 LE1 B 13 -3.48 4.59 -1.00
C8 LE1 B 13 -1.46 4.56 0.47
SG LE1 B 13 -1.44 2.91 -1.71
HA LE1 B 13 -2.28 2.00 0.90
H LE1 B 13 -4.57 2.26 -0.94
H9 LE1 B 13 -3.39 5.59 -0.60
H9A LE1 B 13 -4.45 4.19 -0.77
H9B LE1 B 13 -3.34 4.62 -2.08
H8 LE1 B 13 -1.13 3.99 1.33
H8A LE1 B 13 -1.99 5.45 0.80
H8B LE1 B 13 -0.60 4.86 -0.11
N HIS B 14 -3.16 3.26 2.83
CA HIS B 14 -3.73 3.87 4.01
C HIS B 14 -2.72 4.78 4.71
N CYS B 15 -3.02 6.07 4.73
CA CYS B 15 -2.15 7.03 5.40
C CYS B 15 -2.87 7.69 6.57
N LYS B 16 -2.47 7.33 7.78
CA LYS B 16 -3.09 7.88 8.97
C LYS B 16 -2.17 8.90 9.63
N NH2 B 17 -2.63 10.07 9.98
HN1 NH2 B 17 -3.59 10.27 9.82
HN2 NH2 B 17 -2.05 10.73 10.40
N ASP A 1 4.09 -10.56 -0.77
CA ASP A 1 2.91 -10.26 -1.63
C ASP A 1 2.19 -9.02 -1.08
N ASP A 2 1.66 -9.15 0.12
CA ASP A 2 0.94 -8.04 0.74
C ASP A 2 1.86 -6.84 0.92
N LYS A 3 3.11 -7.10 1.29
CA LYS A 3 4.06 -6.02 1.48
C LYS A 3 4.27 -5.25 0.19
N ASP A 4 3.99 -5.90 -0.95
CA ASP A 4 4.16 -5.24 -2.23
C ASP A 4 3.26 -4.01 -2.30
N CYS A 5 2.02 -4.18 -1.84
CA CYS A 5 1.07 -3.08 -1.83
C CYS A 5 1.59 -1.95 -0.93
N ASP A 6 2.08 -2.31 0.25
CA ASP A 6 2.62 -1.31 1.18
C ASP A 6 3.79 -0.58 0.56
N GLU A 7 4.70 -1.33 -0.06
CA GLU A 7 5.87 -0.75 -0.70
C GLU A 7 5.41 0.18 -1.81
N TYR A 8 4.41 -0.26 -2.57
CA TYR A 8 3.86 0.54 -3.65
C TYR A 8 3.31 1.85 -3.12
N CYS A 9 2.57 1.75 -2.03
CA CYS A 9 1.96 2.92 -1.42
C CYS A 9 3.04 3.91 -1.01
N LYS A 10 4.13 3.40 -0.48
CA LYS A 10 5.23 4.26 -0.08
C LYS A 10 5.79 5.00 -1.29
N LYS A 11 5.87 4.31 -2.42
CA LYS A 11 6.42 4.91 -3.64
C LYS A 11 5.58 6.08 -4.14
N THR A 12 4.26 5.93 -4.07
CA THR A 12 3.36 6.98 -4.57
C THR A 12 3.06 8.04 -3.50
N LYS A 13 3.14 7.65 -2.24
CA LYS A 13 2.87 8.59 -1.16
C LYS A 13 4.15 9.29 -0.68
N GLU A 14 5.30 8.93 -1.25
CA GLU A 14 6.55 9.57 -0.86
C GLU A 14 7.07 10.47 -1.98
N NH2 A 15 6.63 11.70 -2.04
HN1 NH2 A 15 5.99 12.04 -1.38
HN2 NH2 A 15 6.96 12.30 -2.75
N GLU B 1 2.23 8.58 8.78
CA GLU B 1 2.44 7.12 8.54
C GLU B 1 1.67 6.70 7.30
O LE1 B 2 3.13 3.53 4.94
C LE1 B 2 1.97 3.95 5.02
CA LE1 B 2 1.67 5.42 5.23
N LE1 B 2 2.31 5.90 6.45
CB LE1 B 2 2.16 6.21 4.01
C9 LE1 B 2 3.66 6.44 4.12
C8 LE1 B 2 1.85 5.41 2.75
SG LE1 B 2 1.30 7.80 3.95
HA LE1 B 2 0.60 5.54 5.33
H LE1 B 2 3.23 5.63 6.66
H9 LE1 B 2 4.10 5.72 4.80
H9A LE1 B 2 3.86 7.44 4.48
H9B LE1 B 2 4.11 6.32 3.14
H8 LE1 B 2 1.86 6.07 1.90
H8A LE1 B 2 0.88 4.94 2.84
H8B LE1 B 2 2.60 4.64 2.62
N THR B 3 0.92 3.15 4.94
CA THR B 3 1.06 1.72 4.74
C THR B 3 -0.13 1.18 3.94
N GLY B 4 0.10 0.11 3.20
CA GLY B 4 -0.98 -0.48 2.40
C GLY B 4 -0.93 -2.00 2.44
N HIS B 5 -1.94 -2.62 1.85
CA HIS B 5 -2.03 -4.07 1.81
C HIS B 5 -2.82 -4.51 0.60
N ILE B 6 -2.70 -5.78 0.23
CA ILE B 6 -3.43 -6.28 -0.93
C ILE B 6 -4.87 -6.55 -0.57
N GLU B 7 -5.75 -5.67 -1.02
CA GLU B 7 -7.17 -5.80 -0.77
C GLU B 7 -7.89 -6.05 -2.09
N GLY B 8 -8.52 -7.20 -2.21
CA GLY B 8 -9.23 -7.53 -3.44
C GLY B 8 -8.23 -7.60 -4.61
N PRO B 9 -8.66 -7.26 -5.80
CA PRO B 9 -7.78 -7.29 -7.00
C PRO B 9 -6.88 -6.07 -7.14
N THR B 10 -6.87 -5.20 -6.12
CA THR B 10 -6.06 -3.98 -6.21
C THR B 10 -5.35 -3.65 -4.88
O LE1 B 11 -4.53 -0.32 -3.84
C LE1 B 11 -4.14 -1.28 -3.17
CA LE1 B 11 -3.47 -2.47 -3.84
N LE1 B 11 -4.26 -2.90 -5.01
CB LE1 B 11 -2.04 -2.09 -4.28
C9 LE1 B 11 -1.24 -3.37 -4.60
C8 LE1 B 11 -2.09 -1.22 -5.54
SG LE1 B 11 -1.19 -1.17 -2.97
HA LE1 B 11 -3.41 -3.29 -3.14
H LE1 B 11 -3.98 -2.62 -5.91
H9 LE1 B 11 -1.49 -3.72 -5.59
H9A LE1 B 11 -1.50 -4.13 -3.87
H9B LE1 B 11 -0.19 -3.16 -4.54
H8 LE1 B 11 -3.09 -0.83 -5.67
H8A LE1 B 11 -1.83 -1.82 -6.41
H8B LE1 B 11 -1.40 -0.40 -5.44
N THR B 12 -4.31 -1.37 -1.85
CA THR B 12 -4.96 -0.30 -1.11
C THR B 12 -3.97 0.45 -0.22
O LE1 B 13 -4.89 3.83 1.41
C LE1 B 13 -3.80 3.28 1.60
CA LE1 B 13 -3.06 2.60 0.45
N LE1 B 13 -3.96 1.78 -0.34
CB LE1 B 13 -2.40 3.67 -0.43
C9 LE1 B 13 -3.49 4.54 -1.06
C8 LE1 B 13 -1.50 4.55 0.44
SG LE1 B 13 -1.43 2.88 -1.72
HA LE1 B 13 -2.29 1.97 0.87
H LE1 B 13 -4.58 2.20 -0.98
H9 LE1 B 13 -3.41 5.55 -0.67
H9A LE1 B 13 -4.46 4.14 -0.83
H9B LE1 B 13 -3.34 4.56 -2.14
H8 LE1 B 13 -2.08 5.33 0.90
H8A LE1 B 13 -0.72 4.98 -0.17
H8B LE1 B 13 -1.05 3.93 1.22
N HIS B 14 -3.19 3.24 2.78
CA HIS B 14 -3.80 3.85 3.96
C HIS B 14 -2.79 4.71 4.70
N CYS B 15 -3.04 6.01 4.74
CA CYS B 15 -2.15 6.93 5.45
C CYS B 15 -2.89 7.55 6.63
N LYS B 16 -2.51 7.13 7.83
CA LYS B 16 -3.14 7.63 9.04
C LYS B 16 -2.25 8.66 9.73
N NH2 B 17 -2.71 9.85 9.97
HN1 NH2 B 17 -3.63 10.09 9.71
HN2 NH2 B 17 -2.14 10.52 10.41
N ASP A 1 4.16 -10.59 -0.96
CA ASP A 1 2.96 -10.28 -1.79
C ASP A 1 2.25 -9.06 -1.22
N ASP A 2 1.73 -9.21 0.00
CA ASP A 2 1.01 -8.12 0.65
C ASP A 2 1.92 -6.91 0.83
N LYS A 3 3.18 -7.17 1.16
CA LYS A 3 4.14 -6.09 1.37
C LYS A 3 4.31 -5.29 0.07
N ASP A 4 4.02 -5.92 -1.07
CA ASP A 4 4.16 -5.24 -2.35
C ASP A 4 3.26 -4.02 -2.39
N CYS A 5 2.02 -4.18 -1.93
CA CYS A 5 1.08 -3.09 -1.89
C CYS A 5 1.59 -1.97 -0.98
N ASP A 6 2.08 -2.36 0.19
CA ASP A 6 2.60 -1.39 1.15
C ASP A 6 3.79 -0.63 0.54
N GLU A 7 4.70 -1.37 -0.07
CA GLU A 7 5.87 -0.77 -0.70
C GLU A 7 5.43 0.17 -1.80
N TYR A 8 4.43 -0.26 -2.55
CA TYR A 8 3.87 0.55 -3.63
C TYR A 8 3.32 1.85 -3.07
N CYS A 9 2.60 1.73 -1.97
CA CYS A 9 2.00 2.89 -1.34
C CYS A 9 3.07 3.89 -0.96
N LYS A 10 4.19 3.40 -0.44
CA LYS A 10 5.28 4.28 -0.07
C LYS A 10 5.80 5.02 -1.31
N LYS A 11 5.87 4.31 -2.43
CA LYS A 11 6.39 4.89 -3.67
C LYS A 11 5.53 6.06 -4.16
N THR A 12 4.21 5.91 -4.06
CA THR A 12 3.30 6.95 -4.54
C THR A 12 3.06 8.01 -3.47
N LYS A 13 3.17 7.63 -2.20
CA LYS A 13 2.96 8.57 -1.11
C LYS A 13 4.25 9.25 -0.68
N GLU A 14 5.38 8.86 -1.28
CA GLU A 14 6.66 9.46 -0.93
C GLU A 14 6.82 10.83 -1.61
N NH2 A 15 5.98 11.18 -2.54
HN1 NH2 A 15 5.25 10.57 -2.80
HN2 NH2 A 15 6.07 12.05 -2.98
N GLU B 1 1.50 8.19 9.29
CA GLU B 1 2.36 7.26 8.51
C GLU B 1 1.63 6.82 7.24
O LE1 B 2 3.07 3.50 5.05
C LE1 B 2 1.92 3.92 5.09
CA LE1 B 2 1.62 5.40 5.28
N LE1 B 2 2.23 5.89 6.51
CB LE1 B 2 2.16 6.17 4.07
C9 LE1 B 2 3.66 6.35 4.19
C8 LE1 B 2 1.85 5.38 2.80
SG LE1 B 2 1.35 7.79 3.97
HA LE1 B 2 0.56 5.54 5.34
H LE1 B 2 3.10 5.54 6.80
H9 LE1 B 2 4.06 5.65 4.91
H9A LE1 B 2 3.88 7.36 4.52
H9B LE1 B 2 4.13 6.19 3.23
H8 LE1 B 2 1.99 6.02 1.94
H8A LE1 B 2 0.83 5.03 2.82
H8B LE1 B 2 2.53 4.53 2.73
N THR B 3 0.86 3.13 4.99
CA THR B 3 1.00 1.69 4.80
C THR B 3 -0.17 1.16 3.98
N GLY B 4 0.09 0.10 3.23
CA GLY B 4 -0.96 -0.50 2.40
C GLY B 4 -0.92 -2.02 2.46
N HIS B 5 -1.93 -2.64 1.85
CA HIS B 5 -2.03 -4.09 1.81
C HIS B 5 -2.81 -4.54 0.60
N ILE B 6 -2.69 -5.81 0.23
CA ILE B 6 -3.41 -6.31 -0.93
C ILE B 6 -4.86 -6.57 -0.58
N GLU B 7 -5.74 -5.69 -1.03
CA GLU B 7 -7.16 -5.82 -0.76
C GLU B 7 -7.88 -6.09 -2.08
N GLY B 8 -8.50 -7.26 -2.18
CA GLY B 8 -9.21 -7.61 -3.40
C GLY B 8 -8.23 -7.65 -4.58
N PRO B 9 -8.67 -7.29 -5.76
CA PRO B 9 -7.80 -7.30 -6.97
C PRO B 9 -6.93 -6.05 -7.10
N THR B 10 -6.91 -5.21 -6.08
CA THR B 10 -6.12 -3.97 -6.16
C THR B 10 -5.40 -3.64 -4.86
O LE1 B 11 -4.56 -0.29 -3.82
C LE1 B 11 -4.17 -1.26 -3.16
CA LE1 B 11 -3.51 -2.45 -3.85
N LE1 B 11 -4.32 -2.87 -5.00
CB LE1 B 11 -2.09 -2.07 -4.31
C9 LE1 B 11 -1.30 -3.35 -4.63
C8 LE1 B 11 -2.15 -1.19 -5.56
SG LE1 B 11 -1.20 -1.17 -3.00
HA LE1 B 11 -3.44 -3.26 -3.15
H LE1 B 11 -4.07 -2.58 -5.90
H9 LE1 B 11 -0.25 -3.15 -4.57
H9A LE1 B 11 -1.55 -3.67 -5.64
H9B LE1 B 11 -1.57 -4.13 -3.93
H8 LE1 B 11 -1.30 -0.53 -5.57
H8A LE1 B 11 -3.07 -0.61 -5.54
H8B LE1 B 11 -2.13 -1.81 -6.43
N THR B 12 -4.31 -1.34 -1.85
CA THR B 12 -4.95 -0.28 -1.08
C THR B 12 -3.94 0.45 -0.19
O LE1 B 13 -4.82 3.91 1.41
C LE1 B 13 -3.76 3.33 1.62
CA LE1 B 13 -3.03 2.60 0.49
N LE1 B 13 -3.94 1.79 -0.30
CB LE1 B 13 -2.33 3.63 -0.39
C9 LE1 B 13 -3.37 4.52 -1.07
C8 LE1 B 13 -1.41 4.50 0.48
SG LE1 B 13 -1.34 2.79 -1.65
HA LE1 B 13 -2.28 1.96 0.93
H LE1 B 13 -4.56 2.23 -0.92
H9 LE1 B 13 -4.36 4.16 -0.83
H9A LE1 B 13 -3.22 4.49 -2.14
H9B LE1 B 13 -3.26 5.53 -0.72
H8 LE1 B 13 -1.99 5.31 0.91
H8A LE1 B 13 -0.62 4.93 -0.14
H8B LE1 B 13 -0.97 3.90 1.25
N HIS B 14 -3.17 3.30 2.82
CA HIS B 14 -3.76 3.95 3.97
C HIS B 14 -2.74 4.83 4.68
N CYS B 15 -3.00 6.14 4.68
CA CYS B 15 -2.11 7.08 5.36
C CYS B 15 -2.84 7.74 6.53
N LYS B 16 -2.45 7.37 7.74
CA LYS B 16 -3.07 7.92 8.94
C LYS B 16 -2.10 8.85 9.67
N NH2 B 17 -2.30 10.13 9.65
HN1 NH2 B 17 -3.08 10.51 9.17
HN2 NH2 B 17 -1.68 10.74 10.11
N ASP A 1 3.78 -9.84 -2.78
CA ASP A 1 3.03 -10.23 -1.56
C ASP A 1 2.32 -9.01 -0.98
N ASP A 2 1.75 -9.16 0.21
CA ASP A 2 1.03 -8.07 0.85
C ASP A 2 1.96 -6.86 1.03
N LYS A 3 3.24 -7.13 1.23
CA LYS A 3 4.20 -6.05 1.40
C LYS A 3 4.33 -5.27 0.10
N ASP A 4 4.01 -5.91 -1.02
CA ASP A 4 4.11 -5.26 -2.32
C ASP A 4 3.21 -4.04 -2.36
N CYS A 5 1.98 -4.19 -1.87
CA CYS A 5 1.04 -3.08 -1.84
C CYS A 5 1.57 -1.96 -0.96
N ASP A 6 2.07 -2.33 0.22
CA ASP A 6 2.61 -1.34 1.16
C ASP A 6 3.79 -0.60 0.52
N GLU A 7 4.69 -1.35 -0.10
CA GLU A 7 5.85 -0.74 -0.75
C GLU A 7 5.39 0.19 -1.85
N TYR A 8 4.38 -0.27 -2.60
CA TYR A 8 3.81 0.54 -3.68
C TYR A 8 3.28 1.84 -3.13
N CYS A 9 2.54 1.74 -2.04
CA CYS A 9 1.95 2.91 -1.42
C CYS A 9 3.03 3.90 -1.01
N LYS A 10 4.13 3.39 -0.50
CA LYS A 10 5.24 4.24 -0.11
C LYS A 10 5.80 4.97 -1.32
N LYS A 11 5.87 4.27 -2.46
CA LYS A 11 6.42 4.86 -3.69
C LYS A 11 5.59 6.05 -4.18
N THR A 12 4.26 5.92 -4.10
CA THR A 12 3.38 6.97 -4.58
C THR A 12 3.11 8.03 -3.50
N LYS A 13 3.19 7.63 -2.24
CA LYS A 13 2.93 8.56 -1.15
C LYS A 13 4.21 9.25 -0.66
N GLU A 14 5.36 8.88 -1.24
CA GLU A 14 6.62 9.49 -0.84
C GLU A 14 7.18 10.36 -1.96
N NH2 A 15 6.92 11.64 -1.97
HN1 NH2 A 15 6.38 12.03 -1.25
HN2 NH2 A 15 7.28 12.21 -2.68
N GLU B 1 1.55 8.19 9.25
CA GLU B 1 2.39 7.23 8.48
C GLU B 1 1.66 6.80 7.22
O LE1 B 2 3.11 3.52 4.97
C LE1 B 2 1.95 3.93 5.04
CA LE1 B 2 1.66 5.41 5.23
N LE1 B 2 2.27 5.90 6.46
CB LE1 B 2 2.18 6.19 4.01
C9 LE1 B 2 3.69 6.39 4.13
C8 LE1 B 2 1.87 5.39 2.75
SG LE1 B 2 1.35 7.79 3.93
HA LE1 B 2 0.60 5.56 5.30
H LE1 B 2 3.15 5.55 6.73
H9 LE1 B 2 4.15 6.23 3.16
H9A LE1 B 2 4.09 5.68 4.84
H9B LE1 B 2 3.90 7.40 4.47
H8 LE1 B 2 2.62 4.62 2.61
H8A LE1 B 2 1.88 6.05 1.89
H8B LE1 B 2 0.90 4.92 2.84
N THR B 3 0.89 3.15 4.95
CA THR B 3 1.02 1.71 4.77
C THR B 3 -0.15 1.18 3.96
N GLY B 4 0.08 0.11 3.21
CA GLY B 4 -0.98 -0.46 2.39
C GLY B 4 -0.96 -1.99 2.46
N HIS B 5 -2.00 -2.60 1.90
CA HIS B 5 -2.13 -4.05 1.89
C HIS B 5 -2.88 -4.49 0.64
N ILE B 6 -2.75 -5.77 0.29
CA ILE B 6 -3.44 -6.27 -0.88
C ILE B 6 -4.90 -6.55 -0.56
N GLU B 7 -5.77 -5.66 -1.05
CA GLU B 7 -7.20 -5.79 -0.81
C GLU B 7 -7.89 -6.09 -2.14
N GLY B 8 -8.50 -7.26 -2.24
CA GLY B 8 -9.18 -7.63 -3.47
C GLY B 8 -8.18 -7.66 -4.64
N PRO B 9 -8.59 -7.32 -5.83
CA PRO B 9 -7.71 -7.32 -7.02
C PRO B 9 -6.84 -6.06 -7.15
N THR B 10 -6.85 -5.21 -6.13
CA THR B 10 -6.07 -3.97 -6.19
C THR B 10 -5.37 -3.63 -4.87
O LE1 B 11 -4.56 -0.28 -3.82
C LE1 B 11 -4.18 -1.24 -3.16
CA LE1 B 11 -3.50 -2.43 -3.83
N LE1 B 11 -4.28 -2.87 -5.00
CB LE1 B 11 -2.07 -2.05 -4.27
C9 LE1 B 11 -1.28 -3.32 -4.60
C8 LE1 B 11 -2.13 -1.16 -5.51
SG LE1 B 11 -1.21 -1.15 -2.94
HA LE1 B 11 -3.44 -3.25 -3.13
H LE1 B 11 -4.01 -2.57 -5.89
H9 LE1 B 11 -1.55 -3.65 -5.59
H9A LE1 B 11 -1.52 -4.08 -3.88
H9B LE1 B 11 -0.23 -3.11 -4.57
H8 LE1 B 11 -2.01 -1.76 -6.40
H8A LE1 B 11 -1.34 -0.43 -5.47
H8B LE1 B 11 -3.08 -0.65 -5.55
N THR B 12 -4.33 -1.32 -1.84
CA THR B 12 -4.99 -0.25 -1.09
C THR B 12 -3.98 0.49 -0.20
O LE1 B 13 -4.88 3.88 1.43
C LE1 B 13 -3.80 3.33 1.62
CA LE1 B 13 -3.07 2.63 0.48
N LE1 B 13 -3.97 1.81 -0.31
CB LE1 B 13 -2.39 3.69 -0.39
C9 LE1 B 13 -3.46 4.58 -1.03
C8 LE1 B 13 -1.47 4.54 0.47
SG LE1 B 13 -1.43 2.87 -1.69
HA LE1 B 13 -2.31 1.99 0.92
H LE1 B 13 -4.58 2.25 -0.95
H9 LE1 B 13 -3.37 5.58 -0.65
H9A LE1 B 13 -4.43 4.18 -0.81
H9B LE1 B 13 -3.31 4.59 -2.10
H8 LE1 B 13 -0.65 4.92 -0.13
H8A LE1 B 13 -1.07 3.94 1.28
H8B LE1 B 13 -2.03 5.37 0.89
N HIS B 14 -3.20 3.28 2.81
CA HIS B 14 -3.78 3.91 3.99
C HIS B 14 -2.75 4.78 4.71
N CYS B 15 -2.99 6.08 4.74
CA CYS B 15 -2.09 6.99 5.42
C CYS B 15 -2.80 7.61 6.62
N LYS B 16 -2.39 7.21 7.82
CA LYS B 16 -3.00 7.74 9.04
C LYS B 16 -2.05 8.71 9.73
N NH2 B 17 -2.30 9.99 9.68
HN1 NH2 B 17 -3.09 10.32 9.20
HN2 NH2 B 17 -1.69 10.63 10.12
N ASP A 1 4.20 -10.54 -0.49
CA ASP A 1 2.88 -10.40 -1.18
C ASP A 1 2.21 -9.10 -0.73
N ASP A 2 1.61 -9.14 0.46
CA ASP A 2 0.94 -7.97 0.99
C ASP A 2 1.90 -6.79 1.15
N LYS A 3 3.18 -7.08 1.30
CA LYS A 3 4.18 -6.03 1.46
C LYS A 3 4.31 -5.25 0.16
N ASP A 4 4.00 -5.89 -0.96
CA ASP A 4 4.10 -5.24 -2.26
C ASP A 4 3.20 -4.00 -2.30
N CYS A 5 1.98 -4.17 -1.83
CA CYS A 5 1.02 -3.06 -1.81
C CYS A 5 1.56 -1.93 -0.93
N ASP A 6 2.05 -2.29 0.25
CA ASP A 6 2.59 -1.30 1.18
C ASP A 6 3.78 -0.56 0.55
N GLU A 7 4.67 -1.32 -0.07
CA GLU A 7 5.83 -0.72 -0.72
C GLU A 7 5.37 0.21 -1.83
N TYR A 8 4.37 -0.24 -2.58
CA TYR A 8 3.81 0.57 -3.65
C TYR A 8 3.26 1.88 -3.12
N CYS A 9 2.53 1.77 -2.03
CA CYS A 9 1.92 2.94 -1.41
C CYS A 9 3.00 3.94 -1.02
N LYS A 10 4.11 3.42 -0.49
CA LYS A 10 5.21 4.28 -0.10
C LYS A 10 5.78 5.02 -1.33
N LYS A 11 5.85 4.31 -2.45
CA LYS A 11 6.38 4.88 -3.69
C LYS A 11 5.56 6.06 -4.18
N THR A 12 4.24 5.93 -4.12
CA THR A 12 3.35 6.98 -4.61
C THR A 12 3.11 8.04 -3.54
N LYS A 13 3.17 7.65 -2.27
CA LYS A 13 2.96 8.58 -1.18
C LYS A 13 4.28 9.19 -0.70
N GLU A 14 5.39 8.76 -1.29
CA GLU A 14 6.69 9.28 -0.90
C GLU A 14 6.67 10.81 -0.88
N NH2 A 15 5.84 11.45 -1.65
HN1 NH2 A 15 5.23 10.95 -2.24
HN2 NH2 A 15 5.83 12.43 -1.64
N GLU B 1 2.56 8.50 8.62
CA GLU B 1 2.43 7.01 8.55
C GLU B 1 1.67 6.62 7.29
O LE1 B 2 3.13 3.54 4.82
C LE1 B 2 1.98 3.96 4.96
CA LE1 B 2 1.69 5.44 5.18
N LE1 B 2 2.33 5.89 6.41
CB LE1 B 2 2.19 6.23 3.98
C9 LE1 B 2 3.70 6.49 4.11
C8 LE1 B 2 1.92 5.43 2.70
SG LE1 B 2 1.31 7.81 3.89
HA LE1 B 2 0.63 5.57 5.28
H LE1 B 2 3.26 5.63 6.60
H9 LE1 B 2 4.13 5.76 4.78
H9A LE1 B 2 3.86 7.47 4.50
H9B LE1 B 2 4.16 6.40 3.13
H8 LE1 B 2 1.82 6.11 1.87
H8A LE1 B 2 1.00 4.87 2.81
H8B LE1 B 2 2.74 4.76 2.53
N THR B 3 0.91 3.17 4.94
CA THR B 3 1.05 1.74 4.73
C THR B 3 -0.14 1.22 3.96
N GLY B 4 0.06 0.14 3.20
CA GLY B 4 -1.02 -0.43 2.41
C GLY B 4 -1.01 -1.95 2.47
N HIS B 5 -2.04 -2.55 1.91
CA HIS B 5 -2.16 -4.01 1.89
C HIS B 5 -2.91 -4.45 0.64
N ILE B 6 -2.76 -5.73 0.29
CA ILE B 6 -3.44 -6.24 -0.89
C ILE B 6 -4.90 -6.53 -0.58
N GLU B 7 -5.77 -5.65 -1.07
CA GLU B 7 -7.20 -5.80 -0.86
C GLU B 7 -7.88 -6.09 -2.19
N GLY B 8 -8.48 -7.27 -2.30
CA GLY B 8 -9.15 -7.65 -3.52
C GLY B 8 -8.14 -7.69 -4.68
N PRO B 9 -8.54 -7.34 -5.87
CA PRO B 9 -7.64 -7.34 -7.06
C PRO B 9 -6.77 -6.08 -7.18
N THR B 10 -6.80 -5.22 -6.16
CA THR B 10 -6.03 -3.99 -6.23
C THR B 10 -5.34 -3.64 -4.91
O LE1 B 11 -4.55 -0.28 -3.86
C LE1 B 11 -4.18 -1.24 -3.19
CA LE1 B 11 -3.49 -2.43 -3.85
N LE1 B 11 -4.26 -2.87 -5.02
CB LE1 B 11 -2.05 -2.04 -4.27
C9 LE1 B 11 -1.26 -3.31 -4.59
C8 LE1 B 11 -2.10 -1.16 -5.52
SG LE1 B 11 -1.22 -1.13 -2.95
HA LE1 B 11 -3.43 -3.24 -3.14
H LE1 B 11 -3.99 -2.58 -5.91
H9 LE1 B 11 -1.50 -4.07 -3.86
H9A LE1 B 11 -0.20 -3.10 -4.56
H9B LE1 B 11 -1.53 -3.67 -5.58
H8 LE1 B 11 -1.79 -1.73 -6.39
H8A LE1 B 11 -1.44 -0.31 -5.39
H8B LE1 B 11 -3.12 -0.81 -5.68
N THR B 12 -4.35 -1.32 -1.87
CA THR B 12 -5.02 -0.25 -1.13
C THR B 12 -4.03 0.49 -0.22
O LE1 B 13 -4.93 3.86 1.43
C LE1 B 13 -3.85 3.30 1.62
CA LE1 B 13 -3.10 2.63 0.47
N LE1 B 13 -4.00 1.81 -0.34
CB LE1 B 13 -2.43 3.69 -0.39
C9 LE1 B 13 -3.51 4.58 -1.04
C8 LE1 B 13 -1.52 4.55 0.48
SG LE1 B 13 -1.45 2.90 -1.70
HA LE1 B 13 -2.35 1.99 0.88
H LE1 B 13 -4.60 2.25 -0.98
H9 LE1 B 13 -3.42 5.58 -0.64
H9A LE1 B 13 -4.48 4.18 -0.81
H9B LE1 B 13 -3.36 4.60 -2.11
H8 LE1 B 13 -0.64 4.83 -0.08
H8A LE1 B 13 -1.23 3.99 1.36
H8B LE1 B 13 -2.05 5.44 0.78
N HIS B 14 -3.25 3.24 2.80
CA HIS B 14 -3.84 3.85 3.98
C HIS B 14 -2.81 4.68 4.74
N CYS B 15 -3.03 5.99 4.78
CA CYS B 15 -2.12 6.88 5.50
C CYS B 15 -2.84 7.47 6.71
N LYS B 16 -2.43 7.03 7.90
CA LYS B 16 -3.04 7.51 9.12
C LYS B 16 -2.17 8.58 9.77
N NH2 B 17 -2.49 9.84 9.66
HN1 NH2 B 17 -3.30 10.08 9.16
HN2 NH2 B 17 -1.93 10.53 10.07
N ASP A 1 4.04 -9.88 -2.55
CA ASP A 1 3.04 -10.28 -1.52
C ASP A 1 2.33 -9.05 -0.99
N ASP A 2 1.72 -9.18 0.19
CA ASP A 2 1.00 -8.07 0.79
C ASP A 2 1.92 -6.87 1.00
N LYS A 3 3.20 -7.13 1.23
CA LYS A 3 4.14 -6.05 1.43
C LYS A 3 4.32 -5.27 0.13
N ASP A 4 4.01 -5.91 -0.99
CA ASP A 4 4.14 -5.25 -2.28
C ASP A 4 3.24 -4.03 -2.34
N CYS A 5 2.01 -4.19 -1.86
CA CYS A 5 1.05 -3.09 -1.84
C CYS A 5 1.57 -1.96 -0.95
N ASP A 6 2.08 -2.33 0.23
CA ASP A 6 2.61 -1.33 1.16
C ASP A 6 3.78 -0.59 0.54
N GLU A 7 4.69 -1.35 -0.08
CA GLU A 7 5.86 -0.75 -0.72
C GLU A 7 5.40 0.19 -1.83
N TYR A 8 4.40 -0.26 -2.58
CA TYR A 8 3.84 0.54 -3.66
C TYR A 8 3.29 1.85 -3.12
N CYS A 9 2.56 1.74 -2.02
CA CYS A 9 1.95 2.91 -1.41
C CYS A 9 3.03 3.90 -1.00
N LYS A 10 4.13 3.39 -0.48
CA LYS A 10 5.23 4.25 -0.08
C LYS A 10 5.80 5.00 -1.28
N LYS A 11 5.87 4.31 -2.42
CA LYS A 11 6.42 4.90 -3.65
C LYS A 11 5.58 6.08 -4.14
N THR A 12 4.27 5.94 -4.07
CA THR A 12 3.37 6.99 -4.55
C THR A 12 3.09 8.05 -3.48
N LYS A 13 3.17 7.65 -2.22
CA LYS A 13 2.91 8.59 -1.12
C LYS A 13 4.19 9.27 -0.64
N GLU A 14 5.34 8.90 -1.24
CA GLU A 14 6.60 9.51 -0.84
C GLU A 14 7.25 10.21 -2.04
N NH2 A 15 7.14 11.51 -2.16
HN1 NH2 A 15 6.65 12.02 -1.48
HN2 NH2 A 15 7.56 11.96 -2.93
N GLU B 1 2.26 8.56 8.78
CA GLU B 1 2.44 7.10 8.56
C GLU B 1 1.67 6.68 7.31
O LE1 B 2 3.13 3.52 4.95
C LE1 B 2 1.98 3.93 5.04
CA LE1 B 2 1.68 5.40 5.25
N LE1 B 2 2.31 5.88 6.47
CB LE1 B 2 2.17 6.19 4.03
C9 LE1 B 2 3.68 6.42 4.14
C8 LE1 B 2 1.86 5.40 2.77
SG LE1 B 2 1.31 7.79 3.97
HA LE1 B 2 0.61 5.54 5.34
H LE1 B 2 3.23 5.61 6.68
H9 LE1 B 2 4.11 5.71 4.83
H9A LE1 B 2 3.87 7.43 4.50
H9B LE1 B 2 4.13 6.30 3.17
H8 LE1 B 2 0.89 4.93 2.86
H8A LE1 B 2 2.62 4.65 2.62
H8B LE1 B 2 1.86 6.07 1.91
N THR B 3 0.91 3.14 4.95
CA THR B 3 1.06 1.71 4.74
C THR B 3 -0.13 1.18 3.94
N GLY B 4 0.08 0.11 3.20
CA GLY B 4 -0.98 -0.46 2.39
C GLY B 4 -0.95 -1.98 2.44
N HIS B 5 -1.99 -2.59 1.88
CA HIS B 5 -2.09 -4.05 1.85
C HIS B 5 -2.86 -4.49 0.62
N ILE B 6 -2.73 -5.76 0.25
CA ILE B 6 -3.43 -6.25 -0.93
C ILE B 6 -4.88 -6.54 -0.59
N GLU B 7 -5.76 -5.65 -1.05
CA GLU B 7 -7.18 -5.80 -0.81
C GLU B 7 -7.89 -6.09 -2.12
N GLY B 8 -8.50 -7.26 -2.22
CA GLY B 8 -9.19 -7.62 -3.45
C GLY B 8 -8.21 -7.66 -4.62
N PRO B 9 -8.64 -7.30 -5.80
CA PRO B 9 -7.76 -7.30 -7.02
C PRO B 9 -6.88 -6.06 -7.14
N THR B 10 -6.87 -5.21 -6.12
CA THR B 10 -6.08 -3.97 -6.19
C THR B 10 -5.37 -3.65 -4.88
O LE1 B 11 -4.55 -0.31 -3.84
C LE1 B 11 -4.16 -1.27 -3.17
CA LE1 B 11 -3.49 -2.46 -3.84
N LE1 B 11 -4.27 -2.89 -5.00
CB LE1 B 11 -2.06 -2.08 -4.28
C9 LE1 B 11 -1.27 -3.35 -4.60
C8 LE1 B 11 -2.12 -1.21 -5.54
SG LE1 B 11 -1.21 -1.17 -2.97
HA LE1 B 11 -3.43 -3.28 -3.13
H LE1 B 11 -4.00 -2.61 -5.90
H9 LE1 B 11 -1.53 -3.70 -5.59
H9A LE1 B 11 -1.52 -4.13 -3.88
H9B LE1 B 11 -0.21 -3.15 -4.55
H8 LE1 B 11 -3.10 -0.77 -5.62
H8A LE1 B 11 -1.91 -1.80 -6.40
H8B LE1 B 11 -1.38 -0.41 -5.45
N THR B 12 -4.32 -1.35 -1.85
CA THR B 12 -4.97 -0.27 -1.10
C THR B 12 -3.98 0.46 -0.21
O LE1 B 13 -4.89 3.84 1.43
C LE1 B 13 -3.80 3.30 1.62
CA LE1 B 13 -3.06 2.61 0.48
N LE1 B 13 -3.97 1.79 -0.32
CB LE1 B 13 -2.39 3.67 -0.39
C9 LE1 B 13 -3.46 4.56 -1.03
C8 LE1 B 13 -1.47 4.52 0.48
SG LE1 B 13 -1.42 2.86 -1.69
HA LE1 B 13 -2.30 1.97 0.90
H LE1 B 13 -4.57 2.23 -0.96
H9 LE1 B 13 -3.38 5.56 -0.62
H9A LE1 B 13 -4.44 4.15 -0.82
H9B LE1 B 13 -3.31 4.58 -2.10
H8 LE1 B 13 -1.10 3.94 1.30
H8A LE1 B 13 -2.03 5.37 0.87
H8B LE1 B 13 -0.65 4.89 -0.11
N HIS B 14 -3.21 3.26 2.81
CA HIS B 14 -3.80 3.89 3.98
C HIS B 14 -2.80 4.75 4.71
N CYS B 15 -3.04 6.06 4.74
CA CYS B 15 -2.16 6.98 5.44
C CYS B 15 -2.90 7.61 6.61
N LYS B 16 -2.53 7.22 7.82
CA LYS B 16 -3.17 7.75 9.01
C LYS B 16 -2.22 8.67 9.77
N NH2 B 17 -2.39 9.96 9.71
HN1 NH2 B 17 -3.14 10.33 9.18
HN2 NH2 B 17 -1.79 10.55 10.19
N ASP A 1 4.11 -10.55 -0.79
CA ASP A 1 2.91 -10.27 -1.63
C ASP A 1 2.19 -9.02 -1.10
N ASP A 2 1.66 -9.15 0.10
CA ASP A 2 0.94 -8.04 0.73
C ASP A 2 1.86 -6.83 0.91
N LYS A 3 3.11 -7.09 1.27
CA LYS A 3 4.07 -6.01 1.47
C LYS A 3 4.26 -5.24 0.16
N ASP A 4 3.98 -5.88 -0.97
CA ASP A 4 4.13 -5.21 -2.25
C ASP A 4 3.24 -3.99 -2.31
N CYS A 5 2.01 -4.15 -1.84
CA CYS A 5 1.05 -3.04 -1.83
C CYS A 5 1.58 -1.92 -0.94
N ASP A 6 2.07 -2.28 0.24
CA ASP A 6 2.61 -1.30 1.18
C ASP A 6 3.79 -0.56 0.55
N GLU A 7 4.68 -1.32 -0.07
CA GLU A 7 5.85 -0.74 -0.72
C GLU A 7 5.40 0.20 -1.83
N TYR A 8 4.39 -0.24 -2.57
CA TYR A 8 3.83 0.57 -3.64
C TYR A 8 3.29 1.88 -3.10
N CYS A 9 2.55 1.77 -2.01
CA CYS A 9 1.95 2.93 -1.39
C CYS A 9 3.04 3.93 -1.00
N LYS A 10 4.14 3.42 -0.48
CA LYS A 10 5.26 4.27 -0.09
C LYS A 10 5.82 5.00 -1.31
N LYS A 11 5.88 4.30 -2.44
CA LYS A 11 6.42 4.88 -3.68
C LYS A 11 5.60 6.07 -4.16
N THR A 12 4.28 5.94 -4.09
CA THR A 12 3.39 7.00 -4.55
C THR A 12 3.14 8.05 -3.47
N LYS A 13 3.21 7.63 -2.22
CA LYS A 13 2.98 8.55 -1.10
C LYS A 13 4.31 9.11 -0.58
N GLU A 14 5.43 8.71 -1.18
CA GLU A 14 6.73 9.18 -0.75
C GLU A 14 6.73 10.70 -0.62
N NH2 A 15 5.89 11.41 -1.32
HN1 NH2 A 15 5.27 10.97 -1.94
HN2 NH2 A 15 5.88 12.39 -1.24
N GLU B 1 2.26 8.54 8.78
CA GLU B 1 2.44 7.09 8.55
C GLU B 1 1.68 6.67 7.31
O LE1 B 2 3.12 3.52 4.91
C LE1 B 2 1.96 3.93 5.01
CA LE1 B 2 1.67 5.40 5.23
N LE1 B 2 2.31 5.87 6.46
CB LE1 B 2 2.15 6.20 4.02
C9 LE1 B 2 3.67 6.42 4.12
C8 LE1 B 2 1.83 5.42 2.75
SG LE1 B 2 1.31 7.81 3.98
HA LE1 B 2 0.60 5.53 5.33
H LE1 B 2 3.22 5.59 6.65
H9 LE1 B 2 3.86 7.42 4.48
H9A LE1 B 2 4.10 6.29 3.13
H9B LE1 B 2 4.09 5.69 4.79
H8 LE1 B 2 0.92 4.85 2.89
H8A LE1 B 2 2.64 4.75 2.53
H8B LE1 B 2 1.69 6.11 1.92
N THR B 3 0.90 3.14 4.92
CA THR B 3 1.04 1.71 4.71
C THR B 3 -0.15 1.18 3.93
N GLY B 4 0.07 0.11 3.17
CA GLY B 4 -1.00 -0.46 2.37
C GLY B 4 -0.97 -1.99 2.41
N HIS B 5 -1.99 -2.61 1.84
CA HIS B 5 -2.08 -4.05 1.80
C HIS B 5 -2.86 -4.50 0.57
N ILE B 6 -2.73 -5.77 0.21
CA ILE B 6 -3.44 -6.27 -0.96
C ILE B 6 -4.90 -6.52 -0.64
N GLU B 7 -5.75 -5.64 -1.13
CA GLU B 7 -7.18 -5.75 -0.91
C GLU B 7 -7.87 -6.15 -2.21
N GLY B 8 -8.45 -7.34 -2.21
CA GLY B 8 -9.14 -7.82 -3.40
C GLY B 8 -8.19 -7.82 -4.60
N PRO B 9 -8.62 -7.37 -5.76
CA PRO B 9 -7.78 -7.34 -6.99
C PRO B 9 -6.90 -6.08 -7.10
N THR B 10 -6.89 -5.24 -6.07
CA THR B 10 -6.10 -4.00 -6.15
C THR B 10 -5.39 -3.66 -4.84
O LE1 B 11 -4.57 -0.31 -3.83
C LE1 B 11 -4.17 -1.26 -3.16
CA LE1 B 11 -3.50 -2.46 -3.82
N LE1 B 11 -4.31 -2.90 -4.97
CB LE1 B 11 -2.08 -2.09 -4.28
C9 LE1 B 11 -1.30 -3.36 -4.58
C8 LE1 B 11 -2.15 -1.23 -5.55
SG LE1 B 11 -1.22 -1.14 -2.99
HA LE1 B 11 -3.45 -3.27 -3.11
H LE1 B 11 -4.05 -2.62 -5.87
H9 LE1 B 11 -0.24 -3.16 -4.51
H9A LE1 B 11 -1.53 -3.71 -5.57
H9B LE1 B 11 -1.56 -4.12 -3.86
H8 LE1 B 11 -3.02 -0.59 -5.51
H8A LE1 B 11 -2.20 -1.87 -6.41
H8B LE1 B 11 -1.26 -0.61 -5.61
N THR B 12 -4.32 -1.33 -1.84
CA THR B 12 -4.98 -0.26 -1.09
C THR B 12 -3.98 0.49 -0.20
O LE1 B 13 -4.90 3.85 1.44
C LE1 B 13 -3.81 3.31 1.63
CA LE1 B 13 -3.06 2.63 0.49
N LE1 B 13 -3.97 1.82 -0.31
CB LE1 B 13 -2.38 3.70 -0.38
C9 LE1 B 13 -3.44 4.59 -1.02
C8 LE1 B 13 -1.46 4.54 0.50
SG LE1 B 13 -1.41 2.88 -1.67
HA LE1 B 13 -2.31 1.99 0.92
H LE1 B 13 -4.58 2.25 -0.95
H9 LE1 B 13 -4.11 3.98 -1.62
H9A LE1 B 13 -2.95 5.32 -1.66
H9B LE1 B 13 -4.00 5.09 -0.26
H8 LE1 B 13 -1.99 5.44 0.80
H8A LE1 B 13 -0.58 4.81 -0.06
H8B LE1 B 13 -1.18 3.98 1.38
N HIS B 14 -3.20 3.28 2.82
CA HIS B 14 -3.80 3.90 3.99
C HIS B 14 -2.79 4.76 4.74
N CYS B 15 -3.04 6.07 4.76
CA CYS B 15 -2.16 6.98 5.47
C CYS B 15 -2.88 7.61 6.65
N LYS B 16 -2.51 7.20 7.85
CA LYS B 16 -3.14 7.71 9.06
C LYS B 16 -2.23 8.72 9.75
N NH2 B 17 -2.59 9.98 9.82
HN1 NH2 B 17 -3.45 10.26 9.41
HN2 NH2 B 17 -2.01 10.62 10.26
N ASP A 1 3.84 -9.81 -2.72
CA ASP A 1 3.05 -10.21 -1.52
C ASP A 1 2.33 -8.99 -0.96
N ASP A 2 1.75 -9.15 0.23
CA ASP A 2 1.04 -8.05 0.86
C ASP A 2 1.95 -6.83 1.04
N LYS A 3 3.23 -7.08 1.27
CA LYS A 3 4.18 -6.00 1.45
C LYS A 3 4.33 -5.23 0.14
N ASP A 4 4.02 -5.88 -0.97
CA ASP A 4 4.13 -5.24 -2.29
C ASP A 4 3.23 -4.01 -2.33
N CYS A 5 1.99 -4.18 -1.87
CA CYS A 5 1.04 -3.08 -1.86
C CYS A 5 1.56 -1.95 -0.98
N ASP A 6 2.04 -2.31 0.21
CA ASP A 6 2.57 -1.31 1.15
C ASP A 6 3.76 -0.58 0.53
N GLU A 7 4.66 -1.34 -0.10
CA GLU A 7 5.83 -0.75 -0.73
C GLU A 7 5.38 0.20 -1.84
N TYR A 8 4.37 -0.23 -2.59
CA TYR A 8 3.82 0.57 -3.66
C TYR A 8 3.28 1.88 -3.12
N CYS A 9 2.54 1.77 -2.03
CA CYS A 9 1.94 2.94 -1.41
C CYS A 9 3.02 3.92 -0.99
N LYS A 10 4.12 3.41 -0.48
CA LYS A 10 5.23 4.26 -0.08
C LYS A 10 5.80 5.00 -1.30
N LYS A 11 5.86 4.30 -2.43
CA LYS A 11 6.41 4.88 -3.66
C LYS A 11 5.59 6.06 -4.15
N THR A 12 4.27 5.94 -4.09
CA THR A 12 3.39 7.00 -4.57
C THR A 12 3.14 8.05 -3.50
N LYS A 13 3.19 7.64 -2.23
CA LYS A 13 2.97 8.58 -1.13
C LYS A 13 4.30 9.16 -0.63
N GLU A 14 5.42 8.72 -1.21
CA GLU A 14 6.72 9.22 -0.80
C GLU A 14 6.73 10.75 -0.78
N NH2 A 15 5.94 11.40 -1.58
HN1 NH2 A 15 5.35 10.92 -2.21
HN2 NH2 A 15 5.94 12.39 -1.58
N GLU B 1 2.51 8.46 8.68
CA GLU B 1 2.40 6.98 8.59
C GLU B 1 1.63 6.59 7.34
O LE1 B 2 3.11 3.53 4.86
C LE1 B 2 1.96 3.95 4.99
CA LE1 B 2 1.68 5.42 5.22
N LE1 B 2 2.31 5.87 6.44
CB LE1 B 2 2.18 6.22 4.01
C9 LE1 B 2 3.68 6.45 4.14
C8 LE1 B 2 1.90 5.43 2.74
SG LE1 B 2 1.31 7.81 3.94
HA LE1 B 2 0.61 5.56 5.30
H LE1 B 2 3.24 5.64 6.63
H9 LE1 B 2 4.15 6.35 3.17
H9A LE1 B 2 4.11 5.73 4.82
H9B LE1 B 2 3.86 7.46 4.52
H8 LE1 B 2 1.81 6.10 1.90
H8A LE1 B 2 0.98 4.88 2.85
H8B LE1 B 2 2.70 4.73 2.55
N THR B 3 0.89 3.17 4.96
CA THR B 3 1.03 1.73 4.76
C THR B 3 -0.17 1.20 3.97
N GLY B 4 0.06 0.14 3.22
CA GLY B 4 -1.01 -0.44 2.41
C GLY B 4 -1.00 -1.96 2.48
N HIS B 5 -2.02 -2.57 1.90
CA HIS B 5 -2.13 -4.02 1.89
C HIS B 5 -2.89 -4.47 0.65
N ILE B 6 -2.75 -5.74 0.30
CA ILE B 6 -3.44 -6.26 -0.88
C ILE B 6 -4.90 -6.52 -0.55
N GLU B 7 -5.77 -5.65 -1.04
CA GLU B 7 -7.20 -5.78 -0.81
C GLU B 7 -7.89 -6.09 -2.12
N GLY B 8 -8.50 -7.26 -2.23
CA GLY B 8 -9.18 -7.64 -3.45
C GLY B 8 -8.17 -7.67 -4.62
N PRO B 9 -8.60 -7.34 -5.81
CA PRO B 9 -7.72 -7.35 -7.01
C PRO B 9 -6.83 -6.10 -7.14
N THR B 10 -6.86 -5.22 -6.13
CA THR B 10 -6.07 -3.99 -6.21
C THR B 10 -5.37 -3.65 -4.89
O LE1 B 11 -4.56 -0.29 -3.86
C LE1 B 11 -4.18 -1.26 -3.19
CA LE1 B 11 -3.50 -2.45 -3.86
N LE1 B 11 -4.29 -2.89 -5.02
CB LE1 B 11 -2.07 -2.07 -4.29
C9 LE1 B 11 -1.29 -3.35 -4.62
C8 LE1 B 11 -2.13 -1.19 -5.55
SG LE1 B 11 -1.22 -1.16 -2.97
HA LE1 B 11 -3.44 -3.26 -3.15
H LE1 B 11 -4.01 -2.61 -5.92
H9 LE1 B 11 -0.23 -3.13 -4.58
H9A LE1 B 11 -1.55 -3.69 -5.60
H9B LE1 B 11 -1.52 -4.11 -3.89
H8 LE1 B 11 -3.12 -0.78 -5.65
H8A LE1 B 11 -1.88 -1.78 -6.42
H8B LE1 B 11 -1.42 -0.38 -5.44
N THR B 12 -4.34 -1.33 -1.87
CA THR B 12 -5.00 -0.26 -1.13
C THR B 12 -4.01 0.49 -0.23
O LE1 B 13 -4.91 3.86 1.40
C LE1 B 13 -3.83 3.32 1.59
CA LE1 B 13 -3.08 2.63 0.46
N LE1 B 13 -3.99 1.81 -0.35
CB LE1 B 13 -2.41 3.70 -0.42
C9 LE1 B 13 -3.48 4.58 -1.06
C8 LE1 B 13 -1.50 4.56 0.46
SG LE1 B 13 -1.44 2.89 -1.71
HA LE1 B 13 -2.32 1.99 0.87
H LE1 B 13 -4.59 2.24 -1.00
H9 LE1 B 13 -3.41 5.59 -0.68
H9A LE1 B 13 -4.47 4.18 -0.84
H9B LE1 B 13 -3.35 4.59 -2.14
H8 LE1 B 13 -1.24 4.02 1.35
H8A LE1 B 13 -2.02 5.47 0.73
H8B LE1 B 13 -0.61 4.82 -0.09
N HIS B 14 -3.24 3.26 2.78
CA HIS B 14 -3.83 3.88 3.96
C HIS B 14 -2.82 4.73 4.71
N CYS B 15 -3.04 6.04 4.73
CA CYS B 15 -2.15 6.93 5.46
C CYS B 15 -2.88 7.55 6.64
N LYS B 16 -2.51 7.12 7.84
CA LYS B 16 -3.14 7.63 9.05
C LYS B 16 -2.25 8.67 9.73
N NH2 B 17 -2.70 9.87 9.93
HN1 NH2 B 17 -3.61 10.10 9.64
HN2 NH2 B 17 -2.14 10.55 10.36
N ASP A 1 3.95 -10.69 -0.31
CA ASP A 1 2.79 -10.38 -1.20
C ASP A 1 2.14 -9.09 -0.73
N ASP A 2 1.55 -9.13 0.46
CA ASP A 2 0.88 -7.96 1.01
C ASP A 2 1.86 -6.80 1.18
N LYS A 3 3.14 -7.10 1.33
CA LYS A 3 4.15 -6.06 1.49
C LYS A 3 4.30 -5.28 0.19
N ASP A 4 4.00 -5.92 -0.93
CA ASP A 4 4.11 -5.27 -2.23
C ASP A 4 3.22 -4.03 -2.28
N CYS A 5 2.00 -4.20 -1.81
CA CYS A 5 1.04 -3.09 -1.79
C CYS A 5 1.57 -1.96 -0.92
N ASP A 6 2.06 -2.31 0.26
CA ASP A 6 2.59 -1.32 1.19
C ASP A 6 3.78 -0.58 0.57
N GLU A 7 4.68 -1.34 -0.06
CA GLU A 7 5.84 -0.75 -0.71
C GLU A 7 5.38 0.19 -1.82
N TYR A 8 4.38 -0.27 -2.57
CA TYR A 8 3.82 0.54 -3.64
C TYR A 8 3.27 1.85 -3.10
N CYS A 9 2.53 1.74 -2.02
CA CYS A 9 1.91 2.89 -1.39
C CYS A 9 2.99 3.90 -0.99
N LYS A 10 4.09 3.40 -0.48
CA LYS A 10 5.18 4.27 -0.08
C LYS A 10 5.73 5.02 -1.30
N LYS A 11 5.82 4.32 -2.42
CA LYS A 11 6.35 4.92 -3.66
C LYS A 11 5.49 6.07 -4.16
N THR A 12 4.17 5.89 -4.11
CA THR A 12 3.26 6.92 -4.62
C THR A 12 3.02 8.02 -3.59
N LYS A 13 3.15 7.69 -2.31
CA LYS A 13 2.93 8.68 -1.26
C LYS A 13 4.24 9.39 -0.89
N GLU A 14 5.36 8.99 -1.50
CA GLU A 14 6.64 9.62 -1.23
C GLU A 14 7.03 10.55 -2.37
N NH2 A 15 6.15 10.88 -3.27
HN1 NH2 A 15 5.24 10.52 -3.20
HN2 NH2 A 15 6.39 11.48 -4.00
N GLU B 1 2.30 8.56 8.73
CA GLU B 1 2.48 7.10 8.49
C GLU B 1 1.71 6.67 7.25
O LE1 B 2 3.17 3.57 4.84
C LE1 B 2 2.02 3.99 4.94
CA LE1 B 2 1.75 5.47 5.14
N LE1 B 2 2.39 5.95 6.36
CB LE1 B 2 2.25 6.25 3.92
C9 LE1 B 2 3.76 6.52 4.07
C8 LE1 B 2 2.01 5.42 2.66
SG LE1 B 2 1.35 7.82 3.78
HA LE1 B 2 0.68 5.63 5.23
H LE1 B 2 3.32 5.72 6.54
H9 LE1 B 2 4.23 6.48 3.10
H9A LE1 B 2 4.19 5.79 4.73
H9B LE1 B 2 3.90 7.51 4.48
H8 LE1 B 2 2.76 4.63 2.61
H8A LE1 B 2 2.10 6.05 1.79
H8B LE1 B 2 1.03 4.98 2.69
N THR B 3 0.95 3.22 4.90
CA THR B 3 1.07 1.78 4.71
C THR B 3 -0.13 1.27 3.94
N GLY B 4 0.06 0.16 3.22
CA GLY B 4 -1.02 -0.41 2.43
C GLY B 4 -0.98 -1.93 2.47
N HIS B 5 -2.02 -2.55 1.93
CA HIS B 5 -2.12 -4.00 1.90
C HIS B 5 -2.89 -4.45 0.67
N ILE B 6 -2.75 -5.71 0.29
CA ILE B 6 -3.44 -6.21 -0.88
C ILE B 6 -4.90 -6.50 -0.56
N GLU B 7 -5.77 -5.63 -1.05
CA GLU B 7 -7.20 -5.77 -0.84
C GLU B 7 -7.88 -6.04 -2.17
N GLY B 8 -8.48 -7.22 -2.31
CA GLY B 8 -9.15 -7.56 -3.54
C GLY B 8 -8.13 -7.62 -4.69
N PRO B 9 -8.54 -7.30 -5.90
CA PRO B 9 -7.64 -7.32 -7.08
C PRO B 9 -6.75 -6.08 -7.20
N THR B 10 -6.78 -5.21 -6.19
CA THR B 10 -5.99 -3.99 -6.25
C THR B 10 -5.31 -3.65 -4.93
O LE1 B 11 -4.52 -0.30 -3.86
C LE1 B 11 -4.15 -1.27 -3.19
CA LE1 B 11 -3.45 -2.46 -3.85
N LE1 B 11 -4.22 -2.89 -5.02
CB LE1 B 11 -2.02 -2.06 -4.26
C9 LE1 B 11 -1.21 -3.32 -4.59
C8 LE1 B 11 -2.07 -1.17 -5.51
SG LE1 B 11 -1.19 -1.16 -2.94
HA LE1 B 11 -3.40 -3.27 -3.15
H LE1 B 11 -3.93 -2.62 -5.92
H9 LE1 B 11 -0.16 -3.11 -4.56
H9A LE1 B 11 -1.48 -3.68 -5.57
H9B LE1 B 11 -1.45 -4.09 -3.86
H8 LE1 B 11 -3.07 -0.80 -5.65
H8A LE1 B 11 -1.78 -1.75 -6.39
H8B LE1 B 11 -1.38 -0.34 -5.38
N THR B 12 -4.33 -1.35 -1.87
CA THR B 12 -4.99 -0.29 -1.13
C THR B 12 -4.01 0.47 -0.24
O LE1 B 13 -4.95 3.83 1.40
C LE1 B 13 -3.85 3.29 1.59
CA LE1 B 13 -3.11 2.61 0.46
N LE1 B 13 -4.01 1.79 -0.35
CB LE1 B 13 -2.42 3.67 -0.42
C9 LE1 B 13 -3.48 4.56 -1.07
C8 LE1 B 13 -1.51 4.52 0.46
SG LE1 B 13 -1.44 2.85 -1.71
HA LE1 B 13 -2.36 1.97 0.88
H LE1 B 13 -4.61 2.22 -0.98
H9 LE1 B 13 -4.05 5.07 -0.31
H9A LE1 B 13 -4.14 3.95 -1.68
H9B LE1 B 13 -2.99 5.29 -1.71
H8 LE1 B 13 -2.07 5.36 0.85
H8A LE1 B 13 -0.68 4.89 -0.14
H8B LE1 B 13 -1.13 3.93 1.28
N HIS B 14 -3.24 3.28 2.77
CA HIS B 14 -3.84 3.89 3.94
C HIS B 14 -2.80 4.72 4.71
N CYS B 15 -3.01 6.04 4.75
CA CYS B 15 -2.09 6.91 5.47
C CYS B 15 -2.81 7.53 6.66
N LYS B 16 -2.45 7.08 7.86
CA LYS B 16 -3.05 7.60 9.07
C LYS B 16 -2.00 7.75 10.16
N NH2 B 17 -1.28 8.83 10.20
HN1 NH2 B 17 -1.42 9.54 9.54
HN2 NH2 B 17 -0.60 8.94 10.90
N ASP A 1 3.64 -9.77 -2.99
CA ASP A 1 2.95 -10.18 -1.74
C ASP A 1 2.22 -8.98 -1.16
N ASP A 2 1.69 -9.14 0.05
CA ASP A 2 0.97 -8.06 0.71
C ASP A 2 1.88 -6.85 0.90
N LYS A 3 3.14 -7.12 1.25
CA LYS A 3 4.09 -6.05 1.45
C LYS A 3 4.28 -5.26 0.15
N ASP A 4 3.99 -5.90 -0.98
CA ASP A 4 4.14 -5.23 -2.27
C ASP A 4 3.24 -4.00 -2.32
N CYS A 5 2.02 -4.17 -1.85
CA CYS A 5 1.06 -3.06 -1.82
C CYS A 5 1.59 -1.94 -0.94
N ASP A 6 2.09 -2.30 0.24
CA ASP A 6 2.63 -1.31 1.17
C ASP A 6 3.80 -0.57 0.55
N GLU A 7 4.70 -1.33 -0.08
CA GLU A 7 5.86 -0.75 -0.74
C GLU A 7 5.41 0.19 -1.84
N TYR A 8 4.39 -0.24 -2.58
CA TYR A 8 3.82 0.56 -3.65
C TYR A 8 3.29 1.87 -3.10
N CYS A 9 2.56 1.77 -2.00
CA CYS A 9 1.96 2.92 -1.38
C CYS A 9 3.04 3.92 -0.99
N LYS A 10 4.15 3.41 -0.48
CA LYS A 10 5.25 4.27 -0.10
C LYS A 10 5.81 5.01 -1.32
N LYS A 11 5.86 4.31 -2.45
CA LYS A 11 6.40 4.89 -3.68
C LYS A 11 5.57 6.08 -4.16
N THR A 12 4.25 5.95 -4.08
CA THR A 12 3.36 7.01 -4.54
C THR A 12 3.11 8.05 -3.45
N LYS A 13 3.18 7.62 -2.20
CA LYS A 13 2.96 8.54 -1.09
C LYS A 13 4.29 9.11 -0.57
N GLU A 14 5.40 8.71 -1.19
CA GLU A 14 6.71 9.19 -0.76
C GLU A 14 6.71 10.71 -0.62
N NH2 A 15 5.86 11.41 -1.32
HN1 NH2 A 15 5.23 10.97 -1.93
HN2 NH2 A 15 5.85 12.40 -1.24
N GLU B 1 2.28 8.51 8.79
CA GLU B 1 2.42 7.03 8.58
C GLU B 1 1.65 6.63 7.33
O LE1 B 2 3.11 3.49 4.91
C LE1 B 2 1.95 3.90 5.02
CA LE1 B 2 1.66 5.37 5.26
N LE1 B 2 2.29 5.83 6.48
CB LE1 B 2 2.13 6.18 4.05
C9 LE1 B 2 3.65 6.39 4.15
C8 LE1 B 2 1.82 5.42 2.77
SG LE1 B 2 1.30 7.78 4.02
HA LE1 B 2 0.58 5.50 5.35
H LE1 B 2 3.20 5.54 6.68
H9 LE1 B 2 4.10 6.27 3.17
H9A LE1 B 2 4.07 5.67 4.83
H9B LE1 B 2 3.85 7.39 4.51
H8 LE1 B 2 1.70 6.11 1.96
H8A LE1 B 2 0.90 4.85 2.91
H8B LE1 B 2 2.62 4.73 2.55
N THR B 3 0.90 3.10 4.94
CA THR B 3 1.05 1.67 4.72
C THR B 3 -0.15 1.15 3.93
N GLY B 4 0.07 0.10 3.17
CA GLY B 4 -0.99 -0.48 2.36
C GLY B 4 -0.96 -2.01 2.40
N HIS B 5 -1.99 -2.62 1.84
CA HIS B 5 -2.08 -4.08 1.81
C HIS B 5 -2.86 -4.51 0.58
N ILE B 6 -2.74 -5.78 0.21
CA ILE B 6 -3.45 -6.27 -0.95
C ILE B 6 -4.91 -6.52 -0.64
N GLU B 7 -5.76 -5.63 -1.13
CA GLU B 7 -7.19 -5.74 -0.91
C GLU B 7 -7.88 -6.14 -2.21
N GLY B 8 -8.46 -7.32 -2.22
CA GLY B 8 -9.14 -7.81 -3.40
C GLY B 8 -8.19 -7.81 -4.61
N PRO B 9 -8.62 -7.34 -5.77
CA PRO B 9 -7.77 -7.32 -6.99
C PRO B 9 -6.88 -6.07 -7.10
N THR B 10 -6.88 -5.22 -6.07
CA THR B 10 -6.07 -3.99 -6.14
C THR B 10 -5.37 -3.66 -4.83
O LE1 B 11 -4.56 -0.30 -3.81
C LE1 B 11 -4.16 -1.26 -3.13
CA LE1 B 11 -3.49 -2.46 -3.80
N LE1 B 11 -4.29 -2.89 -4.95
CB LE1 B 11 -2.06 -2.07 -4.26
C9 LE1 B 11 -1.28 -3.34 -4.57
C8 LE1 B 11 -2.13 -1.20 -5.51
SG LE1 B 11 -1.21 -1.15 -2.95
HA LE1 B 11 -3.43 -3.27 -3.09
H LE1 B 11 -4.02 -2.61 -5.86
H9 LE1 B 11 -0.22 -3.14 -4.52
H9A LE1 B 11 -1.53 -3.69 -5.57
H9B LE1 B 11 -1.53 -4.11 -3.85
H8 LE1 B 11 -1.84 -1.78 -6.37
H8A LE1 B 11 -1.47 -0.36 -5.40
H8B LE1 B 11 -3.15 -0.85 -5.65
N THR B 12 -4.31 -1.33 -1.81
CA THR B 12 -4.96 -0.25 -1.06
C THR B 12 -3.97 0.49 -0.18
O LE1 B 13 -4.86 3.90 1.45
C LE1 B 13 -3.79 3.33 1.64
CA LE1 B 13 -3.04 2.63 0.51
N LE1 B 13 -3.95 1.82 -0.30
CB LE1 B 13 -2.36 3.69 -0.37
C9 LE1 B 13 -3.43 4.57 -1.02
C8 LE1 B 13 -1.45 4.55 0.50
SG LE1 B 13 -1.39 2.88 -1.66
HA LE1 B 13 -2.29 1.99 0.93
H LE1 B 13 -4.56 2.26 -0.93
H9 LE1 B 13 -4.42 4.19 -0.80
H9A LE1 B 13 -3.28 4.59 -2.09
H9B LE1 B 13 -3.35 5.58 -0.62
H8 LE1 B 13 -1.96 5.45 0.78
H8A LE1 B 13 -0.56 4.79 -0.06
H8B LE1 B 13 -1.17 3.99 1.39
N HIS B 14 -3.20 3.28 2.84
CA HIS B 14 -3.79 3.91 4.01
C HIS B 14 -2.78 4.79 4.73
N CYS B 15 -3.05 6.10 4.74
CA CYS B 15 -2.17 7.03 5.42
C CYS B 15 -2.91 7.69 6.58
N LYS B 16 -2.54 7.31 7.80
CA LYS B 16 -3.17 7.86 8.98
C LYS B 16 -2.20 8.77 9.74
N NH2 B 17 -2.57 9.98 10.03
HN1 NH2 B 17 -3.46 10.30 9.78
HN2 NH2 B 17 -1.95 10.58 10.51
N ASP A 1 3.78 -9.82 -2.77
CA ASP A 1 2.83 -10.24 -1.70
C ASP A 1 2.16 -9.01 -1.11
N ASP A 2 1.63 -9.14 0.10
CA ASP A 2 0.95 -8.04 0.76
C ASP A 2 1.89 -6.84 0.94
N LYS A 3 3.14 -7.12 1.27
CA LYS A 3 4.10 -6.05 1.46
C LYS A 3 4.30 -5.27 0.17
N ASP A 4 3.99 -5.91 -0.96
CA ASP A 4 4.15 -5.24 -2.25
C ASP A 4 3.26 -4.01 -2.31
N CYS A 5 2.02 -4.17 -1.85
CA CYS A 5 1.07 -3.07 -1.84
C CYS A 5 1.58 -1.93 -0.95
N ASP A 6 2.07 -2.29 0.24
CA ASP A 6 2.59 -1.29 1.18
C ASP A 6 3.77 -0.55 0.56
N GLU A 7 4.69 -1.30 -0.06
CA GLU A 7 5.85 -0.71 -0.69
C GLU A 7 5.40 0.21 -1.81
N TYR A 8 4.41 -0.25 -2.56
CA TYR A 8 3.85 0.55 -3.66
C TYR A 8 3.32 1.86 -3.13
N CYS A 9 2.57 1.76 -2.05
CA CYS A 9 1.97 2.93 -1.44
C CYS A 9 3.04 3.93 -1.04
N LYS A 10 4.14 3.42 -0.51
CA LYS A 10 5.24 4.27 -0.10
C LYS A 10 5.83 5.00 -1.32
N LYS A 11 5.92 4.29 -2.45
CA LYS A 11 6.47 4.87 -3.67
C LYS A 11 5.65 6.05 -4.19
N THR A 12 4.33 5.91 -4.14
CA THR A 12 3.45 6.97 -4.63
C THR A 12 3.18 8.03 -3.56
N LYS A 13 3.22 7.62 -2.30
CA LYS A 13 2.97 8.55 -1.20
C LYS A 13 4.28 9.14 -0.67
N GLU A 14 5.40 8.69 -1.21
CA GLU A 14 6.71 9.20 -0.77
C GLU A 14 6.71 10.72 -0.74
N NH2 A 15 5.96 11.38 -1.58
HN1 NH2 A 15 5.40 10.89 -2.22
HN2 NH2 A 15 5.96 12.36 -1.57
N GLU B 1 2.15 8.56 8.90
CA GLU B 1 2.48 7.15 8.53
C GLU B 1 1.67 6.73 7.31
O LE1 B 2 3.08 3.63 4.86
C LE1 B 2 1.92 4.01 4.99
CA LE1 B 2 1.61 5.47 5.24
N LE1 B 2 2.28 5.94 6.44
CB LE1 B 2 2.02 6.31 4.02
C9 LE1 B 2 3.54 6.51 4.04
C8 LE1 B 2 1.62 5.55 2.75
SG LE1 B 2 1.20 7.91 4.06
HA LE1 B 2 0.53 5.58 5.38
H LE1 B 2 3.21 5.66 6.61
H9 LE1 B 2 3.77 7.50 4.37
H9A LE1 B 2 3.93 6.35 3.04
H9B LE1 B 2 3.99 5.79 4.71
H8 LE1 B 2 1.61 6.25 1.93
H8A LE1 B 2 0.65 5.12 2.88
H8B LE1 B 2 2.34 4.78 2.55
N THR B 3 0.87 3.21 4.92
CA THR B 3 1.03 1.78 4.68
C THR B 3 -0.16 1.25 3.90
N GLY B 4 0.05 0.19 3.14
CA GLY B 4 -1.01 -0.39 2.35
C GLY B 4 -0.99 -1.91 2.41
N HIS B 5 -2.03 -2.53 1.85
CA HIS B 5 -2.13 -3.98 1.83
C HIS B 5 -2.91 -4.44 0.60
N ILE B 6 -2.79 -5.71 0.25
CA ILE B 6 -3.49 -6.20 -0.92
C ILE B 6 -4.96 -6.45 -0.60
N GLU B 7 -5.80 -5.56 -1.11
CA GLU B 7 -7.23 -5.67 -0.90
C GLU B 7 -7.91 -6.11 -2.19
N GLY B 8 -8.49 -7.29 -2.17
CA GLY B 8 -9.16 -7.81 -3.36
C GLY B 8 -8.19 -7.84 -4.55
N PRO B 9 -8.60 -7.40 -5.72
CA PRO B 9 -7.73 -7.41 -6.94
C PRO B 9 -6.85 -6.17 -7.07
N THR B 10 -6.85 -5.29 -6.06
CA THR B 10 -6.06 -4.07 -6.16
C THR B 10 -5.36 -3.70 -4.85
O LE1 B 11 -4.55 -0.34 -3.90
C LE1 B 11 -4.16 -1.27 -3.20
CA LE1 B 11 -3.48 -2.48 -3.84
N LE1 B 11 -4.26 -2.94 -4.99
CB LE1 B 11 -2.05 -2.10 -4.29
C9 LE1 B 11 -1.26 -3.37 -4.60
C8 LE1 B 11 -2.12 -1.24 -5.56
SG LE1 B 11 -1.19 -1.16 -2.99
HA LE1 B 11 -3.41 -3.28 -3.11
H LE1 B 11 -3.99 -2.70 -5.89
H9 LE1 B 11 -1.49 -3.72 -5.59
H9A LE1 B 11 -1.52 -4.14 -3.88
H9B LE1 B 11 -0.20 -3.16 -4.53
H8 LE1 B 11 -3.13 -0.91 -5.71
H8A LE1 B 11 -1.80 -1.82 -6.41
H8B LE1 B 11 -1.47 -0.38 -5.45
N THR B 12 -4.31 -1.31 -1.88
CA THR B 12 -4.97 -0.22 -1.16
C THR B 12 -3.99 0.53 -0.26
O LE1 B 13 -4.90 3.90 1.34
C LE1 B 13 -3.82 3.36 1.53
CA LE1 B 13 -3.07 2.67 0.40
N LE1 B 13 -3.96 1.85 -0.40
CB LE1 B 13 -2.38 3.72 -0.47
C9 LE1 B 13 -3.43 4.63 -1.13
C8 LE1 B 13 -1.46 4.58 0.40
SG LE1 B 13 -1.40 2.91 -1.75
HA LE1 B 13 -2.31 2.04 0.84
H LE1 B 13 -4.56 2.28 -1.05
H9 LE1 B 13 -4.10 4.02 -1.72
H9A LE1 B 13 -2.94 5.34 -1.76
H9B LE1 B 13 -3.99 5.14 -0.36
H8 LE1 B 13 -1.97 5.49 0.69
H8A LE1 B 13 -0.57 4.83 -0.15
H8B LE1 B 13 -1.19 4.03 1.30
N HIS B 14 -3.22 3.34 2.73
CA HIS B 14 -3.82 3.97 3.88
C HIS B 14 -2.81 4.79 4.67
N CYS B 15 -3.09 6.08 4.83
CA CYS B 15 -2.20 6.96 5.58
C CYS B 15 -2.91 7.47 6.82
N LYS B 16 -2.47 6.99 7.99
CA LYS B 16 -3.08 7.40 9.25
C LYS B 16 -2.15 8.32 10.01
N NH2 B 17 -2.32 9.61 9.95
HN1 NH2 B 17 -3.04 9.98 9.40
HN2 NH2 B 17 -1.71 10.21 10.43
N ASP A 1 4.30 -10.13 -1.36
CA ASP A 1 2.85 -10.20 -1.70
C ASP A 1 2.12 -8.99 -1.11
N ASP A 2 1.60 -9.12 0.11
CA ASP A 2 0.90 -8.02 0.74
C ASP A 2 1.83 -6.83 0.92
N LYS A 3 3.08 -7.13 1.25
CA LYS A 3 4.06 -6.07 1.45
C LYS A 3 4.27 -5.29 0.17
N ASP A 4 3.98 -5.92 -0.98
CA ASP A 4 4.14 -5.25 -2.26
C ASP A 4 3.25 -4.02 -2.32
N CYS A 5 2.02 -4.17 -1.85
CA CYS A 5 1.06 -3.06 -1.83
C CYS A 5 1.59 -1.94 -0.94
N ASP A 6 2.08 -2.30 0.24
CA ASP A 6 2.61 -1.31 1.17
C ASP A 6 3.78 -0.57 0.55
N GLU A 7 4.68 -1.32 -0.07
CA GLU A 7 5.85 -0.73 -0.71
C GLU A 7 5.39 0.20 -1.83
N TYR A 8 4.39 -0.25 -2.57
CA TYR A 8 3.83 0.56 -3.65
C TYR A 8 3.30 1.87 -3.12
N CYS A 9 2.57 1.76 -2.02
CA CYS A 9 1.96 2.93 -1.41
C CYS A 9 3.04 3.92 -1.02
N LYS A 10 4.14 3.40 -0.49
CA LYS A 10 5.24 4.26 -0.09
C LYS A 10 5.80 5.00 -1.31
N LYS A 11 5.89 4.31 -2.44
CA LYS A 11 6.42 4.89 -3.67
C LYS A 11 5.58 6.07 -4.16
N THR A 12 4.26 5.93 -4.09
CA THR A 12 3.37 6.98 -4.58
C THR A 12 3.12 8.04 -3.52
N LYS A 13 3.21 7.66 -2.25
CA LYS A 13 2.97 8.60 -1.16
C LYS A 13 4.26 9.29 -0.72
N GLU A 14 5.39 8.94 -1.34
CA GLU A 14 6.66 9.55 -0.99
C GLU A 14 6.91 10.80 -1.83
N NH2 A 15 6.20 11.87 -1.61
HN1 NH2 A 15 5.52 11.87 -0.91
HN2 NH2 A 15 6.34 12.67 -2.16
N GLU B 1 1.54 8.14 9.27
CA GLU B 1 2.41 7.22 8.48
C GLU B 1 1.68 6.79 7.21
O LE1 B 2 3.13 3.52 4.95
C LE1 B 2 1.96 3.94 5.02
CA LE1 B 2 1.67 5.42 5.22
N LE1 B 2 2.29 5.90 6.44
CB LE1 B 2 2.19 6.20 4.01
C9 LE1 B 2 3.71 6.41 4.13
C8 LE1 B 2 1.91 5.40 2.74
SG LE1 B 2 1.36 7.80 3.92
HA LE1 B 2 0.61 5.56 5.29
H LE1 B 2 3.16 5.55 6.72
H9 LE1 B 2 3.90 7.41 4.48
H9A LE1 B 2 4.18 6.27 3.17
H9B LE1 B 2 4.11 5.70 4.84
H8 LE1 B 2 2.60 4.59 2.65
H8A LE1 B 2 2.00 6.04 1.88
H8B LE1 B 2 0.90 5.01 2.78
N THR B 3 0.91 3.15 4.94
CA THR B 3 1.04 1.71 4.74
C THR B 3 -0.14 1.19 3.94
N GLY B 4 0.08 0.12 3.20
CA GLY B 4 -0.98 -0.45 2.38
C GLY B 4 -0.95 -1.98 2.43
N HIS B 5 -1.98 -2.59 1.85
CA HIS B 5 -2.08 -4.04 1.82
C HIS B 5 -2.86 -4.48 0.58
N ILE B 6 -2.74 -5.74 0.22
CA ILE B 6 -3.45 -6.23 -0.95
C ILE B 6 -4.91 -6.49 -0.63
N GLU B 7 -5.77 -5.60 -1.12
CA GLU B 7 -7.20 -5.72 -0.91
C GLU B 7 -7.88 -6.14 -2.21
N GLY B 8 -8.46 -7.32 -2.20
CA GLY B 8 -9.14 -7.82 -3.39
C GLY B 8 -8.17 -7.83 -4.59
N PRO B 9 -8.60 -7.37 -5.75
CA PRO B 9 -7.76 -7.35 -6.98
C PRO B 9 -6.87 -6.09 -7.09
N THR B 10 -6.88 -5.24 -6.07
CA THR B 10 -6.09 -4.01 -6.15
C THR B 10 -5.38 -3.66 -4.83
O LE1 B 11 -4.56 -0.31 -3.84
C LE1 B 11 -4.17 -1.27 -3.16
CA LE1 B 11 -3.49 -2.46 -3.82
N LE1 B 11 -4.28 -2.91 -4.97
CB LE1 B 11 -2.06 -2.08 -4.28
C9 LE1 B 11 -1.28 -3.36 -4.59
C8 LE1 B 11 -2.14 -1.22 -5.54
SG LE1 B 11 -1.20 -1.15 -2.98
HA LE1 B 11 -3.43 -3.27 -3.11
H LE1 B 11 -4.02 -2.64 -5.88
H9 LE1 B 11 -1.54 -4.13 -3.87
H9A LE1 B 11 -0.22 -3.15 -4.52
H9B LE1 B 11 -1.52 -3.70 -5.58
H8 LE1 B 11 -1.90 -1.82 -6.40
H8A LE1 B 11 -1.42 -0.41 -5.46
H8B LE1 B 11 -3.13 -0.81 -5.64
N THR B 12 -4.31 -1.32 -1.83
CA THR B 12 -4.97 -0.25 -1.10
C THR B 12 -3.97 0.49 -0.20
O LE1 B 13 -4.88 3.88 1.43
C LE1 B 13 -3.80 3.33 1.62
CA LE1 B 13 -3.06 2.64 0.48
N LE1 B 13 -3.96 1.82 -0.32
CB LE1 B 13 -2.39 3.70 -0.40
C9 LE1 B 13 -3.46 4.59 -1.04
C8 LE1 B 13 -1.47 4.56 0.48
SG LE1 B 13 -1.41 2.90 -1.69
HA LE1 B 13 -2.30 2.00 0.90
H LE1 B 13 -4.57 2.26 -0.96
H9 LE1 B 13 -3.31 4.60 -2.11
H9A LE1 B 13 -3.37 5.59 -0.65
H9B LE1 B 13 -4.43 4.18 -0.81
H8 LE1 B 13 -0.70 5.00 -0.14
H8A LE1 B 13 -1.01 3.95 1.23
H8B LE1 B 13 -2.04 5.34 0.95
N HIS B 14 -3.19 3.29 2.80
CA HIS B 14 -3.77 3.91 3.98
C HIS B 14 -2.75 4.76 4.71
N CYS B 15 -2.99 6.07 4.74
CA CYS B 15 -2.08 6.98 5.44
C CYS B 15 -2.79 7.60 6.64
N LYS B 16 -2.37 7.18 7.83
CA LYS B 16 -2.97 7.69 9.06
C LYS B 16 -2.04 8.71 9.72
N NH2 B 17 -2.33 9.98 9.66
HN1 NH2 B 17 -3.15 10.28 9.19
HN2 NH2 B 17 -1.75 10.64 10.09
N ASP A 1 3.97 -10.71 -0.38
CA ASP A 1 2.80 -10.41 -1.26
C ASP A 1 2.14 -9.11 -0.80
N ASP A 2 1.57 -9.14 0.40
CA ASP A 2 0.91 -7.97 0.94
C ASP A 2 1.88 -6.81 1.10
N LYS A 3 3.17 -7.11 1.26
CA LYS A 3 4.17 -6.06 1.42
C LYS A 3 4.33 -5.28 0.12
N ASP A 4 4.00 -5.93 -1.00
CA ASP A 4 4.11 -5.27 -2.30
C ASP A 4 3.22 -4.04 -2.35
N CYS A 5 1.99 -4.19 -1.88
CA CYS A 5 1.04 -3.08 -1.86
C CYS A 5 1.58 -1.96 -0.98
N ASP A 6 2.07 -2.32 0.20
CA ASP A 6 2.62 -1.33 1.13
C ASP A 6 3.80 -0.60 0.49
N GLU A 7 4.68 -1.36 -0.15
CA GLU A 7 5.85 -0.78 -0.80
C GLU A 7 5.39 0.16 -1.90
N TYR A 8 4.37 -0.26 -2.64
CA TYR A 8 3.80 0.57 -3.70
C TYR A 8 3.27 1.87 -3.15
N CYS A 9 2.55 1.76 -2.05
CA CYS A 9 1.96 2.92 -1.42
C CYS A 9 3.04 3.90 -1.02
N LYS A 10 4.15 3.39 -0.50
CA LYS A 10 5.26 4.24 -0.12
C LYS A 10 5.82 4.98 -1.33
N LYS A 11 5.88 4.30 -2.47
CA LYS A 11 6.42 4.89 -3.69
C LYS A 11 5.59 6.09 -4.16
N THR A 12 4.27 5.96 -4.08
CA THR A 12 3.39 7.03 -4.54
C THR A 12 3.11 8.07 -3.46
N LYS A 13 3.19 7.66 -2.20
CA LYS A 13 2.94 8.60 -1.10
C LYS A 13 4.22 9.27 -0.61
N GLU A 14 5.36 8.90 -1.19
CA GLU A 14 6.63 9.50 -0.77
C GLU A 14 7.18 10.40 -1.88
N NH2 A 15 6.60 11.54 -2.11
HN1 NH2 A 15 5.83 11.83 -1.58
HN2 NH2 A 15 6.96 12.13 -2.82
N GLU B 1 1.54 8.16 9.26
CA GLU B 1 2.40 7.22 8.48
C GLU B 1 1.67 6.79 7.22
O LE1 B 2 3.12 3.50 4.97
C LE1 B 2 1.96 3.92 5.04
CA LE1 B 2 1.67 5.40 5.23
N LE1 B 2 2.28 5.89 6.46
CB LE1 B 2 2.18 6.18 4.02
C9 LE1 B 2 3.69 6.37 4.14
C8 LE1 B 2 1.87 5.38 2.75
SG LE1 B 2 1.36 7.79 3.94
HA LE1 B 2 0.60 5.53 5.30
H LE1 B 2 3.14 5.53 6.74
H9 LE1 B 2 3.90 7.39 4.46
H9A LE1 B 2 4.15 6.20 3.17
H9B LE1 B 2 4.09 5.67 4.85
H8 LE1 B 2 2.63 4.62 2.61
H8A LE1 B 2 1.87 6.04 1.91
H8B LE1 B 2 0.89 4.92 2.85
N THR B 3 0.90 3.13 4.95
CA THR B 3 1.03 1.69 4.75
C THR B 3 -0.14 1.17 3.95
N GLY B 4 0.09 0.11 3.19
CA GLY B 4 -0.97 -0.46 2.37
C GLY B 4 -0.95 -1.99 2.41
N HIS B 5 -1.99 -2.59 1.86
CA HIS B 5 -2.10 -4.04 1.84
C HIS B 5 -2.87 -4.48 0.60
N ILE B 6 -2.75 -5.75 0.24
CA ILE B 6 -3.43 -6.24 -0.94
C ILE B 6 -4.91 -6.51 -0.62
N GLU B 7 -5.76 -5.61 -1.12
CA GLU B 7 -7.18 -5.73 -0.91
C GLU B 7 -7.87 -6.13 -2.21
N GLY B 8 -8.45 -7.32 -2.22
CA GLY B 8 -9.12 -7.81 -3.41
C GLY B 8 -8.16 -7.81 -4.61
N PRO B 9 -8.60 -7.35 -5.77
CA PRO B 9 -7.74 -7.32 -6.99
C PRO B 9 -6.87 -6.07 -7.10
N THR B 10 -6.87 -5.21 -6.08
CA THR B 10 -6.09 -3.99 -6.16
C THR B 10 -5.38 -3.64 -4.84
O LE1 B 11 -4.56 -0.28 -3.83
C LE1 B 11 -4.17 -1.24 -3.16
CA LE1 B 11 -3.50 -2.43 -3.83
N LE1 B 11 -4.29 -2.88 -4.98
CB LE1 B 11 -2.07 -2.06 -4.29
C9 LE1 B 11 -1.29 -3.33 -4.61
C8 LE1 B 11 -2.15 -1.18 -5.53
SG LE1 B 11 -1.20 -1.15 -2.98
HA LE1 B 11 -3.43 -3.26 -3.12
H LE1 B 11 -4.03 -2.61 -5.89
H9 LE1 B 11 -0.22 -3.12 -4.58
H9A LE1 B 11 -1.55 -3.68 -5.61
H9B LE1 B 11 -1.53 -4.10 -3.89
H8 LE1 B 11 -1.46 -0.35 -5.43
H8A LE1 B 11 -3.15 -0.80 -5.65
H8B LE1 B 11 -1.88 -1.77 -6.41
N THR B 12 -4.32 -1.31 -1.85
CA THR B 12 -4.98 -0.23 -1.10
C THR B 12 -3.98 0.50 -0.21
O LE1 B 13 -4.87 3.89 1.44
C LE1 B 13 -3.79 3.33 1.63
CA LE1 B 13 -3.05 2.64 0.48
N LE1 B 13 -3.96 1.82 -0.32
CB LE1 B 13 -2.37 3.70 -0.39
C9 LE1 B 13 -3.44 4.59 -1.02
C8 LE1 B 13 -1.45 4.55 0.49
SG LE1 B 13 -1.41 2.90 -1.69
HA LE1 B 13 -2.30 2.00 0.91
H LE1 B 13 -4.56 2.27 -0.96
H9 LE1 B 13 -3.36 5.60 -0.62
H9A LE1 B 13 -4.42 4.20 -0.81
H9B LE1 B 13 -3.30 4.62 -2.10
H8 LE1 B 13 -1.07 3.95 1.30
H8A LE1 B 13 -2.01 5.39 0.88
H8B LE1 B 13 -0.62 4.91 -0.11
N HIS B 14 -3.18 3.28 2.81
CA HIS B 14 -3.77 3.90 3.99
C HIS B 14 -2.75 4.76 4.71
N CYS B 15 -2.99 6.07 4.74
CA CYS B 15 -2.09 6.98 5.44
C CYS B 15 -2.80 7.60 6.63
N LYS B 16 -2.38 7.20 7.83
CA LYS B 16 -2.98 7.71 9.05
C LYS B 16 -2.06 8.73 9.71
N NH2 B 17 -2.41 9.99 9.72
HN1 NH2 B 17 -3.25 10.28 9.31
HN2 NH2 B 17 -1.82 10.66 10.15
#